data_4ZHF
#
_entry.id   4ZHF
#
_cell.length_a   107.676
_cell.length_b   117.775
_cell.length_c   121.203
_cell.angle_alpha   90.000
_cell.angle_beta   90.000
_cell.angle_gamma   90.000
#
_symmetry.space_group_name_H-M   'P 21 21 21'
#
loop_
_entity.id
_entity.type
_entity.pdbx_description
1 polymer 'Neutrophil gelatinase-associated lipocalin'
2 non-polymer 'CURIUM ION'
3 non-polymer "N,N'-butane-1,4-diylbis[1-hydroxy-N-(3-{[(1-hydroxy-6-oxo-1,6-dihydropyridin-2-yl)carbonyl]amino}propyl)-6-oxo-1,6-dihydropyridine-2-carboxamide]"
4 non-polymer 'SULFATE ION'
5 non-polymer GLYCEROL
6 water water
#
_entity_poly.entity_id   1
_entity_poly.type   'polypeptide(L)'
_entity_poly.pdbx_seq_one_letter_code
;GSQDSTSDLIPAPPLSKVPLQQNFQDNQFQGKWYVVGLAGNAILREDKDPQKMYATIYELKEDKSYNVTSVLFRKKKCDY
WIRTFVPGSQPGEFTLGNIKSYPGLTSYLVRVVSTNYNQHAMVFFKKVSQNREYFKITLYGRTKELTSELKENFIRFSKS
LGLPENHIVFPVPIDQCIDG
;
_entity_poly.pdbx_strand_id   A,B,C,D,E,F
#
# COMPACT_ATOMS: atom_id res chain seq x y z
N ASP A 4 29.49 -51.39 -8.57
CA ASP A 4 29.93 -51.95 -9.88
C ASP A 4 30.20 -50.84 -10.90
N SER A 5 31.48 -50.52 -11.11
CA SER A 5 31.88 -49.39 -11.97
C SER A 5 33.33 -49.52 -12.47
N THR A 6 33.72 -48.55 -13.29
CA THR A 6 35.13 -48.15 -13.43
C THR A 6 35.20 -46.62 -13.23
N SER A 7 36.36 -46.11 -12.85
CA SER A 7 36.59 -44.67 -12.84
C SER A 7 38.07 -44.32 -12.65
N ASP A 8 38.43 -43.10 -13.03
CA ASP A 8 39.82 -42.65 -13.01
C ASP A 8 39.87 -41.28 -12.38
N LEU A 9 40.78 -41.09 -11.43
CA LEU A 9 40.81 -39.89 -10.63
C LEU A 9 42.21 -39.30 -10.58
N ILE A 10 42.30 -37.99 -10.64
CA ILE A 10 43.53 -37.31 -10.29
C ILE A 10 43.85 -37.58 -8.82
N PRO A 11 45.09 -37.97 -8.53
CA PRO A 11 45.48 -38.35 -7.18
C PRO A 11 45.34 -37.18 -6.20
N ALA A 12 44.95 -37.47 -4.97
CA ALA A 12 44.95 -36.45 -3.94
C ALA A 12 46.37 -35.95 -3.72
N PRO A 13 46.55 -34.64 -3.51
CA PRO A 13 47.87 -34.13 -3.17
C PRO A 13 48.30 -34.62 -1.78
N PRO A 14 49.61 -34.70 -1.54
CA PRO A 14 50.07 -34.84 -0.16
C PRO A 14 49.64 -33.66 0.69
N LEU A 15 49.34 -33.93 1.96
CA LEU A 15 48.85 -32.90 2.87
C LEU A 15 49.86 -31.78 3.12
N SER A 16 51.13 -32.07 2.88
CA SER A 16 52.17 -31.07 3.04
C SER A 16 51.99 -29.92 2.06
N LYS A 17 51.22 -30.14 0.99
CA LYS A 17 51.01 -29.09 0.01
C LYS A 17 49.76 -28.25 0.29
N VAL A 18 49.09 -28.55 1.40
CA VAL A 18 47.86 -27.85 1.77
C VAL A 18 48.05 -27.05 3.05
N PRO A 19 48.26 -25.73 2.94
CA PRO A 19 48.49 -24.90 4.11
C PRO A 19 47.32 -24.92 5.07
N LEU A 20 47.64 -24.63 6.32
CA LEU A 20 46.66 -24.46 7.36
C LEU A 20 46.64 -22.99 7.79
N GLN A 21 45.46 -22.37 7.76
CA GLN A 21 45.32 -21.00 8.28
C GLN A 21 45.97 -20.89 9.66
N GLN A 22 46.94 -19.99 9.81
CA GLN A 22 47.60 -19.79 11.11
C GLN A 22 46.61 -19.23 12.15
N ASN A 23 46.70 -19.74 13.37
CA ASN A 23 45.92 -19.24 14.50
C ASN A 23 44.41 -19.20 14.22
N PHE A 24 43.87 -20.32 13.77
CA PHE A 24 42.48 -20.35 13.36
C PHE A 24 41.56 -19.92 14.50
N GLN A 25 40.58 -19.06 14.18
CA GLN A 25 39.61 -18.59 15.16
C GLN A 25 38.23 -19.19 14.87
N ASP A 26 37.88 -20.24 15.61
CA ASP A 26 36.68 -21.01 15.32
C ASP A 26 35.40 -20.20 15.45
N ASN A 27 35.37 -19.29 16.41
CA ASN A 27 34.17 -18.48 16.61
C ASN A 27 33.95 -17.52 15.45
N GLN A 28 35.03 -16.92 14.96
CA GLN A 28 34.93 -15.90 13.90
C GLN A 28 34.56 -16.54 12.56
N PHE A 29 34.78 -17.85 12.44
CA PHE A 29 34.54 -18.53 11.18
C PHE A 29 33.07 -18.91 11.00
N GLN A 30 32.28 -18.78 12.08
CA GLN A 30 30.86 -19.10 12.09
C GLN A 30 30.03 -18.26 11.12
N GLY A 31 28.83 -18.74 10.82
CA GLY A 31 27.90 -18.01 10.00
C GLY A 31 27.82 -18.56 8.58
N LYS A 32 27.25 -17.76 7.68
CA LYS A 32 26.97 -18.21 6.33
C LYS A 32 28.15 -17.90 5.40
N TRP A 33 28.50 -18.89 4.57
CA TRP A 33 29.45 -18.69 3.49
C TRP A 33 28.84 -19.14 2.17
N TYR A 34 29.08 -18.39 1.11
CA TYR A 34 28.63 -18.77 -0.22
C TYR A 34 29.75 -19.50 -0.93
N VAL A 35 29.41 -20.57 -1.65
CA VAL A 35 30.42 -21.28 -2.40
C VAL A 35 30.62 -20.63 -3.76
N VAL A 36 31.65 -19.80 -3.84
CA VAL A 36 31.88 -18.94 -4.99
C VAL A 36 32.80 -19.65 -5.98
N GLY A 37 33.60 -20.58 -5.48
CA GLY A 37 34.45 -21.40 -6.33
C GLY A 37 34.53 -22.83 -5.84
N LEU A 38 34.69 -23.76 -6.78
CA LEU A 38 34.76 -25.18 -6.48
C LEU A 38 35.79 -25.83 -7.39
N ALA A 39 36.72 -26.57 -6.82
CA ALA A 39 37.69 -27.30 -7.62
C ALA A 39 37.91 -28.66 -7.01
N GLY A 40 38.13 -29.68 -7.84
CA GLY A 40 38.42 -31.00 -7.31
C GLY A 40 38.40 -32.11 -8.34
N ASN A 41 38.81 -33.31 -7.92
CA ASN A 41 39.08 -34.37 -8.88
C ASN A 41 37.83 -35.05 -9.39
N ALA A 42 36.69 -34.69 -8.80
CA ALA A 42 35.38 -35.09 -9.35
C ALA A 42 34.55 -33.90 -9.82
N ILE A 43 35.11 -32.71 -9.74
CA ILE A 43 34.47 -31.51 -10.29
C ILE A 43 34.77 -31.39 -11.77
N LEU A 44 33.71 -31.26 -12.57
CA LEU A 44 33.86 -31.20 -14.03
C LEU A 44 33.02 -30.07 -14.59
N ARG A 45 33.67 -29.12 -15.24
CA ARG A 45 32.98 -28.02 -15.88
C ARG A 45 31.95 -28.55 -16.90
N GLU A 46 30.68 -28.23 -16.69
CA GLU A 46 29.60 -28.69 -17.54
C GLU A 46 28.88 -27.51 -18.21
N ASP A 47 29.20 -27.28 -19.49
CA ASP A 47 28.64 -26.17 -20.25
C ASP A 47 27.12 -26.23 -20.34
N LYS A 48 26.58 -27.43 -20.54
CA LYS A 48 25.14 -27.60 -20.77
C LYS A 48 24.31 -27.24 -19.53
N ASP A 49 24.72 -27.72 -18.37
CA ASP A 49 23.90 -27.55 -17.15
C ASP A 49 24.75 -27.04 -16.00
N PRO A 50 24.98 -25.72 -15.97
CA PRO A 50 26.01 -25.16 -15.10
C PRO A 50 25.64 -25.31 -13.63
N GLN A 51 26.63 -25.49 -12.78
CA GLN A 51 26.37 -25.67 -11.37
C GLN A 51 25.94 -24.36 -10.70
N LYS A 52 24.92 -24.45 -9.85
CA LYS A 52 24.40 -23.29 -9.15
C LYS A 52 25.10 -23.07 -7.83
N MET A 53 25.29 -21.81 -7.48
CA MET A 53 25.79 -21.45 -6.16
C MET A 53 24.90 -22.03 -5.05
N TYR A 54 25.55 -22.51 -4.00
CA TYR A 54 24.85 -22.85 -2.76
C TYR A 54 25.59 -22.22 -1.61
N ALA A 55 25.00 -22.30 -0.42
CA ALA A 55 25.56 -21.71 0.78
C ALA A 55 25.79 -22.77 1.86
N THR A 56 26.76 -22.53 2.71
CA THR A 56 27.06 -23.43 3.78
C THR A 56 27.23 -22.64 5.07
N ILE A 57 26.53 -23.09 6.13
CA ILE A 57 26.41 -22.35 7.35
C ILE A 57 27.09 -23.10 8.51
N TYR A 58 28.03 -22.43 9.16
CA TYR A 58 28.81 -23.03 10.26
C TYR A 58 28.33 -22.52 11.61
N GLU A 59 27.93 -23.43 12.49
CA GLU A 59 27.50 -23.07 13.83
C GLU A 59 28.38 -23.79 14.85
N LEU A 60 29.07 -23.00 15.67
CA LEU A 60 29.96 -23.54 16.69
C LEU A 60 29.14 -23.99 17.90
N LYS A 61 29.27 -25.25 18.27
CA LYS A 61 28.54 -25.77 19.43
C LYS A 61 29.34 -25.61 20.72
N GLU A 62 28.66 -25.82 21.84
CA GLU A 62 29.30 -25.76 23.14
C GLU A 62 30.57 -26.58 23.19
N ASP A 63 30.54 -27.78 22.61
CA ASP A 63 31.67 -28.69 22.66
C ASP A 63 32.74 -28.40 21.61
N LYS A 64 32.57 -27.31 20.87
CA LYS A 64 33.59 -26.82 19.91
C LYS A 64 33.58 -27.54 18.56
N SER A 65 32.66 -28.47 18.39
CA SER A 65 32.36 -28.99 17.06
C SER A 65 31.47 -28.01 16.32
N TYR A 66 31.49 -28.09 14.99
CA TYR A 66 30.55 -27.32 14.18
C TYR A 66 29.36 -28.18 13.75
N ASN A 67 28.17 -27.64 13.90
CA ASN A 67 27.07 -28.02 13.03
CA ASN A 67 27.07 -28.00 13.01
C ASN A 67 27.18 -27.27 11.69
N VAL A 68 27.19 -28.02 10.60
CA VAL A 68 27.39 -27.45 9.28
C VAL A 68 26.18 -27.76 8.39
N THR A 69 25.55 -26.71 7.87
CA THR A 69 24.35 -26.86 7.08
C THR A 69 24.51 -26.23 5.71
N SER A 70 24.31 -27.03 4.67
CA SER A 70 24.41 -26.52 3.31
C SER A 70 23.02 -26.41 2.73
N VAL A 71 22.75 -25.30 2.08
CA VAL A 71 21.44 -25.04 1.49
C VAL A 71 21.60 -24.96 -0.03
N LEU A 72 20.87 -25.80 -0.75
CA LEU A 72 20.96 -25.88 -2.20
C LEU A 72 19.58 -25.69 -2.83
N PHE A 73 19.54 -25.12 -4.02
CA PHE A 73 18.33 -25.05 -4.81
C PHE A 73 18.32 -26.17 -5.84
N ARG A 74 17.44 -27.16 -5.65
CA ARG A 74 17.36 -28.28 -6.58
C ARG A 74 15.96 -28.83 -6.71
N LYS A 75 15.59 -29.14 -7.94
CA LYS A 75 14.25 -29.60 -8.25
C LYS A 75 13.21 -28.61 -7.74
N LYS A 76 13.56 -27.33 -7.81
CA LYS A 76 12.65 -26.24 -7.50
C LYS A 76 12.34 -26.09 -6.01
N LYS A 77 13.16 -26.69 -5.16
CA LYS A 77 12.98 -26.60 -3.72
C LYS A 77 14.30 -26.33 -3.02
N CYS A 78 14.23 -25.89 -1.77
CA CYS A 78 15.41 -25.74 -0.93
C CYS A 78 15.74 -27.06 -0.27
N ASP A 79 16.97 -27.50 -0.48
CA ASP A 79 17.44 -28.78 0.00
C ASP A 79 18.50 -28.51 1.06
N TYR A 80 18.49 -29.28 2.15
CA TYR A 80 19.36 -29.01 3.28
C TYR A 80 20.19 -30.26 3.60
N TRP A 81 21.52 -30.14 3.63
CA TRP A 81 22.40 -31.20 4.14
C TRP A 81 23.08 -30.75 5.44
N ILE A 82 22.76 -31.43 6.52
CA ILE A 82 23.34 -31.13 7.81
C ILE A 82 24.37 -32.19 8.17
N ARG A 83 25.54 -31.75 8.62
CA ARG A 83 26.50 -32.69 9.20
C ARG A 83 27.38 -32.01 10.26
N THR A 84 28.26 -32.79 10.87
CA THR A 84 29.05 -32.33 12.01
C THR A 84 30.53 -32.35 11.64
N PHE A 85 31.22 -31.24 11.86
CA PHE A 85 32.69 -31.21 11.82
C PHE A 85 33.33 -31.25 13.21
N VAL A 86 34.08 -32.31 13.50
CA VAL A 86 34.73 -32.50 14.79
C VAL A 86 36.19 -32.05 14.73
N PRO A 87 36.62 -31.24 15.71
CA PRO A 87 38.00 -30.74 15.70
C PRO A 87 39.02 -31.86 15.58
N GLY A 88 40.00 -31.68 14.70
CA GLY A 88 41.05 -32.66 14.48
C GLY A 88 42.40 -32.24 15.07
N SER A 89 43.47 -32.56 14.34
CA SER A 89 44.82 -32.65 14.89
C SER A 89 45.45 -31.30 15.16
N GLN A 90 44.87 -30.26 14.59
CA GLN A 90 45.31 -28.87 14.84
C GLN A 90 44.17 -27.87 14.51
N PRO A 91 44.22 -26.66 15.09
CA PRO A 91 43.09 -25.74 14.92
C PRO A 91 42.86 -25.39 13.46
N GLY A 92 41.61 -25.50 13.01
CA GLY A 92 41.29 -25.31 11.60
C GLY A 92 41.18 -26.62 10.82
N GLU A 93 41.47 -27.74 11.47
CA GLU A 93 41.33 -29.05 10.87
C GLU A 93 40.21 -29.86 11.54
N PHE A 94 39.44 -30.60 10.76
CA PHE A 94 38.26 -31.29 11.27
C PHE A 94 38.11 -32.65 10.59
N THR A 95 37.46 -33.58 11.27
CA THR A 95 36.91 -34.77 10.63
C THR A 95 35.39 -34.74 10.71
N LEU A 96 34.75 -35.58 9.90
CA LEU A 96 33.30 -35.68 9.90
C LEU A 96 32.91 -36.47 11.12
N GLY A 97 31.91 -36.00 11.85
CA GLY A 97 31.34 -36.77 12.95
C GLY A 97 30.44 -37.90 12.46
N ASN A 98 30.32 -38.94 13.26
CA ASN A 98 29.39 -40.02 12.96
C ASN A 98 29.66 -40.67 11.59
N ILE A 99 30.93 -40.86 11.28
CA ILE A 99 31.32 -41.41 9.98
C ILE A 99 30.68 -42.75 9.66
N LYS A 100 30.43 -43.56 10.69
CA LYS A 100 29.88 -44.90 10.48
C LYS A 100 28.49 -44.85 9.86
N SER A 101 27.80 -43.73 10.02
CA SER A 101 26.41 -43.62 9.58
C SER A 101 26.32 -43.29 8.09
N TYR A 102 27.47 -43.04 7.45
CA TYR A 102 27.51 -42.84 6.00
C TYR A 102 28.09 -44.06 5.30
N PRO A 103 27.23 -44.82 4.62
CA PRO A 103 27.69 -46.10 4.09
C PRO A 103 28.80 -45.88 3.04
N GLY A 104 29.84 -46.71 3.10
CA GLY A 104 30.95 -46.62 2.15
C GLY A 104 32.07 -45.67 2.55
N LEU A 105 31.78 -44.80 3.52
CA LEU A 105 32.70 -43.72 3.86
C LEU A 105 33.71 -44.18 4.91
N THR A 106 35.00 -44.05 4.61
CA THR A 106 36.04 -44.53 5.54
C THR A 106 36.89 -43.40 6.13
N SER A 107 37.04 -42.29 5.42
CA SER A 107 37.71 -41.14 6.00
C SER A 107 37.23 -39.82 5.38
N TYR A 108 37.39 -38.75 6.14
CA TYR A 108 36.87 -37.46 5.74
C TYR A 108 37.57 -36.35 6.49
N LEU A 109 38.36 -35.57 5.77
CA LEU A 109 39.21 -34.56 6.40
C LEU A 109 38.88 -33.18 5.86
N VAL A 110 38.78 -32.22 6.77
CA VAL A 110 38.58 -30.82 6.41
C VAL A 110 39.75 -29.99 6.93
N ARG A 111 40.31 -29.14 6.07
CA ARG A 111 41.34 -28.23 6.50
C ARG A 111 41.11 -26.83 5.97
N VAL A 112 40.96 -25.87 6.87
CA VAL A 112 40.83 -24.48 6.47
C VAL A 112 42.20 -23.94 6.06
N VAL A 113 42.33 -23.60 4.79
CA VAL A 113 43.59 -23.23 4.21
C VAL A 113 43.91 -21.75 4.48
N SER A 114 42.94 -20.88 4.26
CA SER A 114 43.09 -19.46 4.60
C SER A 114 41.75 -18.76 4.67
N THR A 115 41.68 -17.73 5.51
CA THR A 115 40.51 -16.91 5.61
C THR A 115 40.82 -15.58 6.30
N ASN A 116 40.01 -14.56 6.02
CA ASN A 116 40.02 -13.35 6.81
C ASN A 116 38.70 -13.15 7.54
N TYR A 117 37.88 -14.20 7.53
CA TYR A 117 36.72 -14.32 8.43
C TYR A 117 35.53 -13.48 7.99
N ASN A 118 35.75 -12.27 7.51
CA ASN A 118 34.66 -11.37 7.17
C ASN A 118 34.45 -11.14 5.65
N GLN A 119 35.22 -11.84 4.82
CA GLN A 119 35.07 -11.75 3.36
C GLN A 119 35.24 -13.09 2.65
N HIS A 120 36.41 -13.74 2.84
CA HIS A 120 36.75 -14.90 2.02
CA HIS A 120 36.79 -14.88 2.03
C HIS A 120 37.33 -16.04 2.85
N ALA A 121 37.26 -17.24 2.29
CA ALA A 121 37.95 -18.41 2.83
C ALA A 121 38.22 -19.45 1.73
N MET A 122 39.28 -20.24 1.90
CA MET A 122 39.50 -21.45 1.11
C MET A 122 39.62 -22.64 2.03
N VAL A 123 38.92 -23.71 1.69
CA VAL A 123 38.86 -24.87 2.53
C VAL A 123 39.11 -26.12 1.70
N PHE A 124 39.95 -27.00 2.22
CA PHE A 124 40.34 -28.23 1.54
C PHE A 124 39.59 -29.38 2.18
N PHE A 125 39.05 -30.27 1.34
CA PHE A 125 38.33 -31.46 1.80
C PHE A 125 38.93 -32.68 1.14
N LYS A 126 39.07 -33.75 1.91
CA LYS A 126 39.51 -35.02 1.35
C LYS A 126 38.70 -36.14 1.97
N LYS A 127 38.20 -37.04 1.13
CA LYS A 127 37.36 -38.10 1.61
C LYS A 127 37.68 -39.38 0.85
N VAL A 128 37.59 -40.51 1.54
CA VAL A 128 37.73 -41.81 0.90
C VAL A 128 36.42 -42.55 1.00
N SER A 129 35.86 -42.91 -0.15
CA SER A 129 34.56 -43.55 -0.21
C SER A 129 34.56 -44.64 -1.26
N GLN A 130 34.09 -45.82 -0.89
CA GLN A 130 34.24 -46.99 -1.73
C GLN A 130 35.69 -47.13 -2.13
N ASN A 131 36.60 -46.77 -1.23
CA ASN A 131 38.02 -46.95 -1.48
C ASN A 131 38.60 -45.98 -2.51
N ARG A 132 37.77 -45.06 -3.01
CA ARG A 132 38.21 -44.02 -3.93
C ARG A 132 38.47 -42.69 -3.20
N GLU A 133 39.56 -42.03 -3.56
CA GLU A 133 40.02 -40.87 -2.84
C GLU A 133 39.62 -39.58 -3.58
N TYR A 134 38.67 -38.85 -3.01
CA TYR A 134 38.21 -37.60 -3.61
C TYR A 134 38.79 -36.42 -2.84
N PHE A 135 39.08 -35.35 -3.56
CA PHE A 135 39.41 -34.10 -2.88
C PHE A 135 38.81 -32.92 -3.61
N LYS A 136 38.54 -31.87 -2.85
CA LYS A 136 38.05 -30.63 -3.44
C LYS A 136 38.54 -29.46 -2.62
N ILE A 137 38.60 -28.31 -3.28
CA ILE A 137 38.85 -27.05 -2.62
C ILE A 137 37.66 -26.14 -2.85
N THR A 138 37.18 -25.54 -1.78
CA THR A 138 36.06 -24.62 -1.86
C THR A 138 36.55 -23.20 -1.65
N LEU A 139 36.09 -22.28 -2.49
CA LEU A 139 36.30 -20.85 -2.25
C LEU A 139 35.01 -20.24 -1.69
N TYR A 140 35.09 -19.74 -0.45
CA TYR A 140 33.96 -19.17 0.28
C TYR A 140 33.95 -17.65 0.18
N GLY A 141 32.78 -17.06 -0.05
CA GLY A 141 32.60 -15.63 0.16
C GLY A 141 31.50 -15.35 1.17
N ARG A 142 31.64 -14.27 1.93
CA ARG A 142 30.55 -13.82 2.80
C ARG A 142 29.45 -13.21 1.94
N THR A 143 29.82 -12.71 0.75
CA THR A 143 28.86 -12.40 -0.29
C THR A 143 29.05 -13.29 -1.52
N LYS A 144 28.19 -13.13 -2.51
CA LYS A 144 28.17 -13.98 -3.70
C LYS A 144 29.21 -13.61 -4.74
N GLU A 145 29.87 -12.48 -4.53
CA GLU A 145 30.87 -12.01 -5.48
C GLU A 145 32.23 -11.99 -4.82
N LEU A 146 33.26 -12.31 -5.59
CA LEU A 146 34.61 -11.99 -5.17
C LEU A 146 35.38 -11.45 -6.34
N THR A 147 36.51 -10.80 -6.04
CA THR A 147 37.32 -10.15 -7.06
C THR A 147 37.98 -11.16 -7.97
N SER A 148 38.27 -10.74 -9.20
CA SER A 148 39.12 -11.49 -10.13
C SER A 148 40.42 -11.95 -9.45
N GLU A 149 40.99 -11.07 -8.64
CA GLU A 149 42.25 -11.37 -7.98
C GLU A 149 42.11 -12.60 -7.09
N LEU A 150 41.06 -12.64 -6.27
CA LEU A 150 40.87 -13.73 -5.35
C LEU A 150 40.57 -15.02 -6.12
N LYS A 151 39.83 -14.90 -7.20
CA LYS A 151 39.48 -16.07 -7.98
C LYS A 151 40.69 -16.62 -8.74
N GLU A 152 41.57 -15.75 -9.22
CA GLU A 152 42.86 -16.18 -9.78
C GLU A 152 43.76 -16.85 -8.74
N ASN A 153 43.75 -16.35 -7.51
CA ASN A 153 44.52 -16.97 -6.45
C ASN A 153 44.03 -18.39 -6.16
N PHE A 154 42.73 -18.57 -6.24
CA PHE A 154 42.11 -19.86 -5.99
C PHE A 154 42.44 -20.83 -7.13
N ILE A 155 42.43 -20.33 -8.37
CA ILE A 155 42.84 -21.12 -9.52
C ILE A 155 44.32 -21.52 -9.41
N ARG A 156 45.15 -20.58 -9.02
CA ARG A 156 46.57 -20.86 -8.80
C ARG A 156 46.75 -21.98 -7.79
N PHE A 157 46.05 -21.87 -6.65
CA PHE A 157 46.20 -22.86 -5.58
C PHE A 157 45.67 -24.24 -6.02
N SER A 158 44.55 -24.23 -6.72
CA SER A 158 43.99 -25.46 -7.24
C SER A 158 44.95 -26.18 -8.17
N LYS A 159 45.61 -25.43 -9.05
CA LYS A 159 46.61 -26.02 -9.94
C LYS A 159 47.80 -26.60 -9.19
N SER A 160 48.19 -25.95 -8.11
CA SER A 160 49.33 -26.41 -7.33
C SER A 160 49.03 -27.77 -6.70
N LEU A 161 47.75 -28.14 -6.66
CA LEU A 161 47.35 -29.44 -6.14
C LEU A 161 47.06 -30.46 -7.25
N GLY A 162 47.36 -30.10 -8.49
CA GLY A 162 47.31 -31.06 -9.59
C GLY A 162 46.09 -30.94 -10.48
N LEU A 163 45.24 -29.94 -10.19
CA LEU A 163 43.98 -29.80 -10.92
C LEU A 163 44.12 -28.87 -12.11
N PRO A 164 43.69 -29.31 -13.29
CA PRO A 164 43.64 -28.43 -14.46
C PRO A 164 42.36 -27.60 -14.50
N GLU A 165 42.28 -26.69 -15.46
CA GLU A 165 41.28 -25.62 -15.42
C GLU A 165 39.86 -26.18 -15.53
N ASN A 166 39.69 -27.25 -16.29
CA ASN A 166 38.37 -27.82 -16.48
C ASN A 166 37.87 -28.63 -15.27
N HIS A 167 38.69 -28.70 -14.23
CA HIS A 167 38.24 -29.21 -12.94
C HIS A 167 38.03 -28.08 -11.94
N ILE A 168 37.89 -26.86 -12.45
CA ILE A 168 37.61 -25.69 -11.62
C ILE A 168 36.36 -24.97 -12.15
N VAL A 169 35.39 -24.74 -11.27
CA VAL A 169 34.17 -24.04 -11.67
C VAL A 169 33.80 -22.92 -10.71
N PHE A 170 33.05 -21.96 -11.23
CA PHE A 170 32.53 -20.86 -10.44
C PHE A 170 31.02 -20.85 -10.54
N PRO A 171 30.36 -21.43 -9.52
CA PRO A 171 28.93 -21.59 -9.52
C PRO A 171 28.23 -20.27 -9.74
N VAL A 172 27.15 -20.32 -10.51
CA VAL A 172 26.45 -19.13 -10.92
C VAL A 172 25.61 -18.63 -9.73
N PRO A 173 25.71 -17.33 -9.41
CA PRO A 173 24.87 -16.76 -8.34
C PRO A 173 23.40 -16.96 -8.60
N ILE A 174 22.65 -17.28 -7.56
CA ILE A 174 21.20 -17.37 -7.64
C ILE A 174 20.61 -16.73 -6.38
N ASP A 175 19.29 -16.53 -6.40
CA ASP A 175 18.59 -15.86 -5.31
C ASP A 175 17.76 -16.82 -4.46
N GLN A 176 17.35 -17.94 -5.06
CA GLN A 176 16.52 -18.90 -4.37
C GLN A 176 17.30 -19.58 -3.24
N CYS A 177 16.67 -19.67 -2.07
CA CYS A 177 17.09 -20.54 -0.97
C CYS A 177 18.27 -20.02 -0.14
N ILE A 178 19.25 -19.44 -0.82
CA ILE A 178 20.54 -19.27 -0.20
C ILE A 178 20.73 -17.88 0.39
N ASP A 179 19.77 -16.99 0.15
CA ASP A 179 19.78 -15.65 0.75
C ASP A 179 19.00 -15.62 2.06
N GLY A 180 18.60 -16.78 2.58
CA GLY A 180 17.86 -16.86 3.83
C GLY A 180 18.74 -16.66 5.05
N SER B 5 12.27 -31.48 11.71
CA SER B 5 11.69 -31.53 10.33
C SER B 5 12.76 -31.21 9.29
N THR B 6 12.97 -32.13 8.35
CA THR B 6 14.23 -32.21 7.59
C THR B 6 14.03 -31.96 6.10
N SER B 7 12.77 -31.94 5.68
CA SER B 7 12.39 -32.13 4.29
C SER B 7 12.61 -30.86 3.44
N ASP B 8 12.62 -31.02 2.12
CA ASP B 8 12.73 -29.88 1.23
C ASP B 8 11.53 -28.94 1.33
N LEU B 9 11.79 -27.66 1.08
CA LEU B 9 10.79 -26.62 1.23
C LEU B 9 10.67 -25.86 -0.07
N ILE B 10 9.46 -25.39 -0.38
CA ILE B 10 9.30 -24.43 -1.47
C ILE B 10 10.02 -23.15 -1.09
N PRO B 11 10.82 -22.59 -2.00
CA PRO B 11 11.68 -21.46 -1.67
C PRO B 11 10.86 -20.24 -1.34
N ALA B 12 11.31 -19.45 -0.38
CA ALA B 12 10.69 -18.16 -0.13
C ALA B 12 10.85 -17.28 -1.37
N PRO B 13 9.79 -16.55 -1.72
CA PRO B 13 9.88 -15.67 -2.86
C PRO B 13 10.80 -14.51 -2.54
N PRO B 14 11.40 -13.91 -3.59
CA PRO B 14 12.10 -12.64 -3.37
C PRO B 14 11.13 -11.56 -2.91
N LEU B 15 11.59 -10.68 -2.03
CA LEU B 15 10.74 -9.68 -1.44
C LEU B 15 10.18 -8.70 -2.48
N SER B 16 10.81 -8.64 -3.64
CA SER B 16 10.34 -7.81 -4.74
C SER B 16 9.01 -8.29 -5.33
N LYS B 17 8.60 -9.52 -4.99
CA LYS B 17 7.30 -10.01 -5.43
C LYS B 17 6.20 -9.84 -4.36
N VAL B 18 6.55 -9.22 -3.23
CA VAL B 18 5.61 -9.05 -2.12
C VAL B 18 5.37 -7.56 -1.89
N PRO B 19 4.25 -7.06 -2.43
CA PRO B 19 3.97 -5.64 -2.27
C PRO B 19 3.90 -5.23 -0.81
N LEU B 20 4.18 -3.96 -0.57
CA LEU B 20 3.98 -3.35 0.74
C LEU B 20 2.81 -2.37 0.63
N GLN B 21 1.82 -2.52 1.49
CA GLN B 21 0.75 -1.55 1.56
C GLN B 21 1.34 -0.13 1.63
N GLN B 22 0.99 0.69 0.65
CA GLN B 22 1.41 2.09 0.63
C GLN B 22 0.85 2.86 1.85
N ASN B 23 1.68 3.70 2.45
CA ASN B 23 1.23 4.63 3.52
C ASN B 23 0.48 3.92 4.65
N PHE B 24 1.10 2.90 5.20
CA PHE B 24 0.46 2.06 6.21
C PHE B 24 0.04 2.86 7.44
N GLN B 25 -1.18 2.60 7.91
CA GLN B 25 -1.75 3.35 9.02
C GLN B 25 -1.89 2.47 10.24
N ASP B 26 -0.91 2.56 11.14
CA ASP B 26 -0.80 1.60 12.21
C ASP B 26 -2.01 1.63 13.16
N ASN B 27 -2.56 2.81 13.38
CA ASN B 27 -3.69 2.94 14.29
C ASN B 27 -4.95 2.28 13.70
N GLN B 28 -5.15 2.47 12.40
CA GLN B 28 -6.31 1.91 11.71
C GLN B 28 -6.25 0.38 11.58
N PHE B 29 -5.05 -0.18 11.69
CA PHE B 29 -4.88 -1.61 11.52
C PHE B 29 -5.15 -2.39 12.81
N GLN B 30 -5.25 -1.69 13.93
CA GLN B 30 -5.47 -2.29 15.26
C GLN B 30 -6.74 -3.10 15.35
N GLY B 31 -6.83 -3.91 16.40
CA GLY B 31 -8.05 -4.64 16.72
C GLY B 31 -7.97 -6.10 16.32
N LYS B 32 -9.11 -6.75 16.28
CA LYS B 32 -9.19 -8.17 16.04
C LYS B 32 -9.29 -8.42 14.55
N TRP B 33 -8.54 -9.41 14.09
CA TRP B 33 -8.69 -9.94 12.74
C TRP B 33 -8.90 -11.45 12.84
N TYR B 34 -9.77 -11.98 11.99
CA TYR B 34 -9.93 -13.42 11.89
C TYR B 34 -9.06 -13.95 10.77
N VAL B 35 -8.43 -15.11 10.99
CA VAL B 35 -7.64 -15.71 9.95
C VAL B 35 -8.54 -16.54 9.05
N VAL B 36 -8.90 -15.95 7.92
CA VAL B 36 -9.91 -16.51 7.04
C VAL B 36 -9.21 -17.36 5.97
N GLY B 37 -7.94 -17.03 5.70
CA GLY B 37 -7.13 -17.81 4.77
C GLY B 37 -5.68 -17.93 5.21
N LEU B 38 -5.05 -19.06 4.88
CA LEU B 38 -3.67 -19.34 5.27
C LEU B 38 -2.98 -20.04 4.13
N ALA B 39 -1.82 -19.53 3.73
CA ALA B 39 -1.03 -20.19 2.70
C ALA B 39 0.45 -20.12 3.06
N GLY B 40 1.20 -21.17 2.75
CA GLY B 40 2.64 -21.15 3.01
C GLY B 40 3.35 -22.46 2.80
N ASN B 41 4.68 -22.42 2.86
CA ASN B 41 5.48 -23.58 2.46
C ASN B 41 5.53 -24.68 3.52
N ALA B 42 4.95 -24.42 4.67
CA ALA B 42 4.70 -25.45 5.69
C ALA B 42 3.21 -25.63 6.01
N ILE B 43 2.34 -24.93 5.27
CA ILE B 43 0.90 -25.17 5.34
C ILE B 43 0.49 -26.32 4.44
N LEU B 44 -0.22 -27.29 5.00
CA LEU B 44 -0.64 -28.47 4.25
C LEU B 44 -2.13 -28.79 4.50
N ARG B 45 -2.93 -28.76 3.44
CA ARG B 45 -4.34 -29.12 3.53
C ARG B 45 -4.50 -30.54 4.07
N GLU B 46 -5.23 -30.68 5.17
CA GLU B 46 -5.64 -31.99 5.65
C GLU B 46 -7.15 -32.14 5.53
N ASP B 47 -7.59 -32.88 4.50
CA ASP B 47 -9.01 -33.14 4.27
C ASP B 47 -9.65 -33.83 5.48
N LYS B 48 -8.91 -34.77 6.08
CA LYS B 48 -9.42 -35.56 7.19
C LYS B 48 -9.68 -34.70 8.44
N ASP B 49 -8.73 -33.82 8.76
CA ASP B 49 -8.80 -33.04 9.99
C ASP B 49 -8.56 -31.54 9.75
N PRO B 50 -9.62 -30.83 9.34
CA PRO B 50 -9.46 -29.47 8.82
C PRO B 50 -9.06 -28.47 9.89
N GLN B 51 -8.26 -27.49 9.52
CA GLN B 51 -7.77 -26.50 10.46
C GLN B 51 -8.88 -25.52 10.86
N LYS B 52 -8.93 -25.19 12.15
CA LYS B 52 -9.95 -24.31 12.68
C LYS B 52 -9.52 -22.85 12.61
N MET B 53 -10.47 -21.97 12.34
CA MET B 53 -10.23 -20.54 12.40
C MET B 53 -9.72 -20.15 13.77
N TYR B 54 -8.78 -19.22 13.77
CA TYR B 54 -8.37 -18.51 14.97
C TYR B 54 -8.34 -17.02 14.69
N ALA B 55 -8.13 -16.24 15.74
CA ALA B 55 -8.12 -14.79 15.62
C ALA B 55 -6.79 -14.21 16.11
N THR B 56 -6.43 -13.06 15.56
CA THR B 56 -5.22 -12.39 15.95
C THR B 56 -5.51 -10.93 16.21
N ILE B 57 -5.07 -10.45 17.36
CA ILE B 57 -5.45 -9.14 17.84
C ILE B 57 -4.22 -8.24 17.91
N TYR B 58 -4.28 -7.11 17.21
CA TYR B 58 -3.17 -6.15 17.18
C TYR B 58 -3.49 -4.95 18.07
N GLU B 59 -2.65 -4.74 19.07
CA GLU B 59 -2.79 -3.56 19.94
C GLU B 59 -1.59 -2.67 19.81
N LEU B 60 -1.82 -1.43 19.38
CA LEU B 60 -0.74 -0.47 19.19
C LEU B 60 -0.32 0.11 20.53
N LYS B 61 0.96 -0.02 20.88
CA LYS B 61 1.46 0.51 22.15
C LYS B 61 1.97 1.94 22.00
N GLU B 62 2.17 2.62 23.12
CA GLU B 62 2.71 3.98 23.14
C GLU B 62 3.96 4.10 22.28
N ASP B 63 4.82 3.09 22.33
CA ASP B 63 6.09 3.14 21.60
C ASP B 63 5.98 2.70 20.14
N LYS B 64 4.75 2.44 19.68
CA LYS B 64 4.46 2.16 18.26
C LYS B 64 4.75 0.73 17.84
N SER B 65 5.16 -0.10 18.78
CA SER B 65 5.15 -1.53 18.56
C SER B 65 3.74 -2.06 18.77
N TYR B 66 3.45 -3.23 18.20
CA TYR B 66 2.20 -3.93 18.48
C TYR B 66 2.42 -5.02 19.52
N ASN B 67 1.52 -5.11 20.49
CA ASN B 67 1.25 -6.35 21.17
C ASN B 67 0.26 -7.18 20.34
N VAL B 68 0.67 -8.40 19.99
CA VAL B 68 -0.07 -9.22 19.08
C VAL B 68 -0.47 -10.50 19.79
N THR B 69 -1.78 -10.74 19.86
CA THR B 69 -2.30 -11.88 20.58
C THR B 69 -3.13 -12.73 19.65
N SER B 70 -2.76 -13.99 19.52
CA SER B 70 -3.55 -14.93 18.73
C SER B 70 -4.30 -15.85 19.67
N VAL B 71 -5.58 -16.04 19.40
CA VAL B 71 -6.41 -16.90 20.22
C VAL B 71 -6.84 -18.12 19.41
N LEU B 72 -6.55 -19.31 19.91
CA LEU B 72 -6.87 -20.56 19.23
C LEU B 72 -7.71 -21.46 20.13
N PHE B 73 -8.57 -22.27 19.54
CA PHE B 73 -9.27 -23.32 20.27
C PHE B 73 -8.55 -24.64 20.02
N ARG B 74 -7.89 -25.17 21.04
CA ARG B 74 -7.18 -26.43 20.88
C ARG B 74 -7.21 -27.26 22.15
N LYS B 75 -7.46 -28.55 21.98
CA LYS B 75 -7.56 -29.48 23.09
C LYS B 75 -8.61 -28.99 24.10
N LYS B 76 -9.67 -28.38 23.56
CA LYS B 76 -10.84 -28.00 24.35
C LYS B 76 -10.58 -26.80 25.25
N LYS B 77 -9.52 -26.05 24.95
CA LYS B 77 -9.19 -24.86 25.73
C LYS B 77 -8.89 -23.69 24.81
N CYS B 78 -8.96 -22.49 25.37
CA CYS B 78 -8.48 -21.31 24.66
C CYS B 78 -6.99 -21.16 24.87
N ASP B 79 -6.26 -21.09 23.77
CA ASP B 79 -4.82 -21.02 23.81
CA ASP B 79 -4.81 -21.04 23.79
C ASP B 79 -4.40 -19.67 23.27
N TYR B 80 -3.45 -19.04 23.92
CA TYR B 80 -3.10 -17.66 23.62
C TYR B 80 -1.61 -17.59 23.34
N TRP B 81 -1.25 -17.07 22.18
CA TRP B 81 0.13 -16.73 21.91
C TRP B 81 0.28 -15.22 21.80
N ILE B 82 1.04 -14.65 22.73
CA ILE B 82 1.31 -13.23 22.76
C ILE B 82 2.73 -12.99 22.30
N ARG B 83 2.91 -12.09 21.36
CA ARG B 83 4.25 -11.64 21.00
C ARG B 83 4.24 -10.19 20.55
N THR B 84 5.43 -9.67 20.25
CA THR B 84 5.62 -8.25 20.02
C THR B 84 6.12 -8.05 18.60
N PHE B 85 5.42 -7.22 17.83
CA PHE B 85 5.91 -6.79 16.53
C PHE B 85 6.53 -5.41 16.65
N VAL B 86 7.83 -5.33 16.36
CA VAL B 86 8.57 -4.09 16.39
C VAL B 86 8.65 -3.49 14.99
N PRO B 87 8.35 -2.20 14.85
CA PRO B 87 8.39 -1.57 13.53
C PRO B 87 9.73 -1.80 12.85
N GLY B 88 9.71 -2.14 11.56
CA GLY B 88 10.92 -2.34 10.80
C GLY B 88 11.28 -1.13 9.97
N SER B 89 11.91 -1.36 8.82
CA SER B 89 12.55 -0.31 8.05
C SER B 89 11.54 0.63 7.38
N GLN B 90 10.34 0.13 7.15
CA GLN B 90 9.31 0.81 6.37
CA GLN B 90 9.31 0.82 6.37
C GLN B 90 7.97 0.61 7.08
N PRO B 91 7.12 1.65 7.11
CA PRO B 91 5.81 1.47 7.71
C PRO B 91 5.05 0.29 7.10
N GLY B 92 4.54 -0.56 7.97
CA GLY B 92 3.86 -1.78 7.53
C GLY B 92 4.74 -3.00 7.57
N GLU B 93 6.02 -2.81 7.88
CA GLU B 93 6.92 -3.92 8.13
C GLU B 93 7.25 -4.01 9.60
N PHE B 94 7.43 -5.23 10.08
CA PHE B 94 7.77 -5.47 11.47
C PHE B 94 8.76 -6.60 11.60
N THR B 95 9.53 -6.58 12.69
CA THR B 95 10.26 -7.76 13.13
C THR B 95 9.74 -8.21 14.49
N LEU B 96 10.11 -9.43 14.87
CA LEU B 96 9.68 -9.98 16.15
C LEU B 96 10.56 -9.41 17.24
N GLY B 97 9.94 -8.93 18.30
CA GLY B 97 10.71 -8.51 19.48
C GLY B 97 11.22 -9.70 20.29
N ASN B 98 12.30 -9.51 21.05
CA ASN B 98 12.85 -10.53 21.92
CA ASN B 98 12.83 -10.55 21.93
C ASN B 98 13.14 -11.85 21.20
N ILE B 99 13.72 -11.73 20.00
CA ILE B 99 14.00 -12.92 19.18
C ILE B 99 14.86 -13.98 19.89
N LYS B 100 15.74 -13.56 20.78
CA LYS B 100 16.65 -14.50 21.45
C LYS B 100 15.90 -15.48 22.37
N SER B 101 14.66 -15.13 22.75
CA SER B 101 13.88 -15.97 23.66
C SER B 101 13.11 -17.07 22.91
N TYR B 102 13.24 -17.11 21.59
CA TYR B 102 12.74 -18.22 20.82
C TYR B 102 13.88 -19.09 20.29
N PRO B 103 14.06 -20.28 20.86
CA PRO B 103 15.26 -21.06 20.54
C PRO B 103 15.26 -21.49 19.08
N GLY B 104 16.41 -21.37 18.43
CA GLY B 104 16.53 -21.73 17.01
C GLY B 104 16.16 -20.63 16.02
N LEU B 105 15.51 -19.57 16.51
CA LEU B 105 14.97 -18.53 15.63
C LEU B 105 16.01 -17.46 15.33
N THR B 106 16.29 -17.22 14.05
CA THR B 106 17.33 -16.26 13.67
C THR B 106 16.79 -15.04 12.93
N SER B 107 15.67 -15.16 12.23
CA SER B 107 15.05 -13.97 11.66
C SER B 107 13.55 -14.13 11.53
N TYR B 108 12.85 -13.00 11.54
N TYR B 108 12.85 -13.00 11.54
CA TYR B 108 11.41 -13.00 11.51
CA TYR B 108 11.41 -13.00 11.51
C TYR B 108 10.90 -11.68 10.97
C TYR B 108 10.90 -11.68 10.97
N LEU B 109 10.29 -11.72 9.79
CA LEU B 109 9.87 -10.51 9.10
C LEU B 109 8.37 -10.56 8.84
N VAL B 110 7.71 -9.43 9.11
CA VAL B 110 6.29 -9.28 8.83
C VAL B 110 6.13 -8.14 7.84
N ARG B 111 5.36 -8.35 6.78
CA ARG B 111 5.04 -7.28 5.85
C ARG B 111 3.55 -7.28 5.52
N VAL B 112 2.90 -6.17 5.83
CA VAL B 112 1.52 -5.99 5.41
C VAL B 112 1.43 -5.69 3.92
N VAL B 113 0.80 -6.59 3.18
CA VAL B 113 0.78 -6.53 1.73
C VAL B 113 -0.31 -5.58 1.22
N SER B 114 -1.51 -5.73 1.75
CA SER B 114 -2.58 -4.81 1.42
C SER B 114 -3.71 -4.91 2.44
N THR B 115 -4.40 -3.80 2.64
CA THR B 115 -5.54 -3.80 3.52
C THR B 115 -6.40 -2.59 3.23
N ASN B 116 -7.68 -2.68 3.57
CA ASN B 116 -8.52 -1.51 3.62
C ASN B 116 -8.95 -1.22 5.04
N TYR B 117 -8.34 -1.92 5.99
CA TYR B 117 -8.44 -1.59 7.43
C TYR B 117 -9.79 -1.99 8.09
N ASN B 118 -10.91 -1.82 7.40
CA ASN B 118 -12.21 -2.11 8.03
C ASN B 118 -12.82 -3.43 7.64
N GLN B 119 -12.18 -4.17 6.73
CA GLN B 119 -12.76 -5.40 6.20
C GLN B 119 -11.73 -6.51 6.05
N HIS B 120 -10.69 -6.24 5.27
CA HIS B 120 -9.77 -7.30 4.89
C HIS B 120 -8.30 -6.86 4.95
N ALA B 121 -7.41 -7.84 5.04
CA ALA B 121 -5.98 -7.60 4.93
C ALA B 121 -5.29 -8.87 4.45
N MET B 122 -4.16 -8.70 3.76
CA MET B 122 -3.23 -9.79 3.54
C MET B 122 -1.90 -9.41 4.15
N VAL B 123 -1.30 -10.37 4.87
CA VAL B 123 -0.01 -10.14 5.51
C VAL B 123 0.97 -11.28 5.17
N PHE B 124 2.21 -10.90 4.86
CA PHE B 124 3.27 -11.83 4.52
C PHE B 124 4.23 -11.99 5.69
N PHE B 125 4.60 -13.22 5.99
CA PHE B 125 5.50 -13.52 7.10
C PHE B 125 6.63 -14.38 6.59
N LYS B 126 7.84 -14.10 7.04
CA LYS B 126 8.98 -14.92 6.68
C LYS B 126 9.88 -15.10 7.89
N LYS B 127 10.28 -16.34 8.14
CA LYS B 127 11.05 -16.63 9.32
C LYS B 127 12.11 -17.67 8.98
N VAL B 128 13.26 -17.56 9.63
CA VAL B 128 14.32 -18.55 9.50
C VAL B 128 14.58 -19.20 10.85
N SER B 129 14.43 -20.51 10.90
CA SER B 129 14.53 -21.25 12.13
C SER B 129 15.25 -22.56 11.85
N GLN B 130 16.26 -22.86 12.66
CA GLN B 130 17.15 -23.96 12.38
C GLN B 130 17.64 -23.87 10.94
N ASN B 131 17.91 -22.66 10.47
CA ASN B 131 18.44 -22.44 9.12
C ASN B 131 17.45 -22.73 8.01
N ARG B 132 16.23 -23.11 8.35
CA ARG B 132 15.19 -23.35 7.36
C ARG B 132 14.30 -22.12 7.20
N GLU B 133 13.99 -21.79 5.95
CA GLU B 133 13.29 -20.55 5.62
C GLU B 133 11.80 -20.83 5.36
N TYR B 134 10.95 -20.40 6.29
CA TYR B 134 9.52 -20.59 6.18
C TYR B 134 8.84 -19.29 5.76
N PHE B 135 7.80 -19.38 4.95
CA PHE B 135 6.96 -18.23 4.70
C PHE B 135 5.49 -18.59 4.65
N LYS B 136 4.67 -17.61 4.99
CA LYS B 136 3.23 -17.77 4.89
C LYS B 136 2.57 -16.45 4.56
N ILE B 137 1.39 -16.55 3.96
CA ILE B 137 0.53 -15.40 3.75
C ILE B 137 -0.77 -15.64 4.50
N THR B 138 -1.21 -14.63 5.23
CA THR B 138 -2.46 -14.70 5.98
C THR B 138 -3.50 -13.79 5.34
N LEU B 139 -4.71 -14.31 5.16
CA LEU B 139 -5.85 -13.49 4.76
C LEU B 139 -6.72 -13.18 5.98
N TYR B 140 -6.78 -11.89 6.34
CA TYR B 140 -7.49 -11.41 7.52
C TYR B 140 -8.86 -10.86 7.14
N GLY B 141 -9.89 -11.20 7.92
CA GLY B 141 -11.18 -10.53 7.85
C GLY B 141 -11.56 -9.92 9.19
N ARG B 142 -12.26 -8.78 9.14
CA ARG B 142 -12.82 -8.22 10.37
C ARG B 142 -13.98 -9.05 10.87
N THR B 143 -14.63 -9.77 9.96
CA THR B 143 -15.54 -10.85 10.31
C THR B 143 -15.03 -12.20 9.80
N LYS B 144 -15.77 -13.27 10.10
CA LYS B 144 -15.32 -14.63 9.81
C LYS B 144 -15.54 -15.02 8.33
N GLU B 145 -16.22 -14.16 7.58
CA GLU B 145 -16.54 -14.47 6.20
C GLU B 145 -15.90 -13.45 5.28
N LEU B 146 -15.49 -13.90 4.10
CA LEU B 146 -15.16 -12.97 3.03
C LEU B 146 -15.68 -13.52 1.71
N THR B 147 -15.74 -12.63 0.72
CA THR B 147 -16.32 -12.97 -0.58
C THR B 147 -15.42 -13.95 -1.32
N SER B 148 -16.03 -14.75 -2.20
CA SER B 148 -15.30 -15.56 -3.17
C SER B 148 -14.24 -14.74 -3.90
N GLU B 149 -14.58 -13.51 -4.27
CA GLU B 149 -13.67 -12.67 -5.04
C GLU B 149 -12.37 -12.40 -4.25
N LEU B 150 -12.50 -12.05 -2.97
CA LEU B 150 -11.34 -11.81 -2.13
C LEU B 150 -10.53 -13.09 -1.90
N LYS B 151 -11.20 -14.21 -1.76
CA LYS B 151 -10.51 -15.46 -1.53
C LYS B 151 -9.79 -15.94 -2.78
N GLU B 152 -10.39 -15.72 -3.95
CA GLU B 152 -9.72 -16.01 -5.22
C GLU B 152 -8.51 -15.14 -5.43
N ASN B 153 -8.61 -13.87 -5.03
CA ASN B 153 -7.47 -12.98 -5.13
C ASN B 153 -6.32 -13.47 -4.28
N PHE B 154 -6.64 -13.99 -3.10
CA PHE B 154 -5.66 -14.50 -2.16
C PHE B 154 -4.99 -15.76 -2.71
N ILE B 155 -5.79 -16.62 -3.35
CA ILE B 155 -5.25 -17.80 -4.02
C ILE B 155 -4.32 -17.40 -5.17
N ARG B 156 -4.76 -16.43 -5.95
CA ARG B 156 -3.96 -15.92 -7.07
C ARG B 156 -2.61 -15.41 -6.55
N PHE B 157 -2.65 -14.61 -5.49
CA PHE B 157 -1.42 -14.04 -4.93
C PHE B 157 -0.51 -15.12 -4.37
N SER B 158 -1.11 -16.08 -3.68
CA SER B 158 -0.34 -17.18 -3.10
C SER B 158 0.38 -17.97 -4.18
N LYS B 159 -0.30 -18.24 -5.30
CA LYS B 159 0.30 -18.92 -6.42
C LYS B 159 1.45 -18.12 -7.02
N SER B 160 1.30 -16.80 -7.07
CA SER B 160 2.33 -15.95 -7.64
C SER B 160 3.63 -16.04 -6.83
N LEU B 161 3.53 -16.53 -5.60
CA LEU B 161 4.69 -16.67 -4.72
C LEU B 161 5.19 -18.12 -4.69
N GLY B 162 4.64 -18.96 -5.56
CA GLY B 162 5.16 -20.30 -5.77
C GLY B 162 4.38 -21.41 -5.07
N LEU B 163 3.27 -21.06 -4.43
CA LEU B 163 2.51 -22.03 -3.65
C LEU B 163 1.40 -22.65 -4.49
N PRO B 164 1.33 -23.98 -4.52
CA PRO B 164 0.20 -24.67 -5.14
C PRO B 164 -1.00 -24.79 -4.20
N GLU B 165 -2.11 -25.29 -4.73
CA GLU B 165 -3.41 -25.15 -4.08
C GLU B 165 -3.45 -25.89 -2.76
N ASN B 166 -2.75 -27.02 -2.69
CA ASN B 166 -2.78 -27.84 -1.47
C ASN B 166 -1.91 -27.26 -0.35
N HIS B 167 -1.25 -26.14 -0.62
CA HIS B 167 -0.59 -25.36 0.43
C HIS B 167 -1.41 -24.12 0.80
N ILE B 168 -2.68 -24.14 0.42
CA ILE B 168 -3.60 -23.06 0.73
C ILE B 168 -4.83 -23.64 1.45
N VAL B 169 -5.14 -23.09 2.62
CA VAL B 169 -6.32 -23.55 3.36
C VAL B 169 -7.18 -22.40 3.86
N PHE B 170 -8.45 -22.72 4.06
CA PHE B 170 -9.42 -21.77 4.57
C PHE B 170 -10.01 -22.32 5.84
N PRO B 171 -9.50 -21.86 6.98
CA PRO B 171 -9.89 -22.41 8.27
C PRO B 171 -11.39 -22.26 8.51
N VAL B 172 -11.95 -23.29 9.11
CA VAL B 172 -13.39 -23.40 9.29
C VAL B 172 -13.80 -22.49 10.44
N PRO B 173 -14.81 -21.64 10.22
CA PRO B 173 -15.31 -20.78 11.29
C PRO B 173 -15.76 -21.58 12.51
N ILE B 174 -15.45 -21.07 13.70
CA ILE B 174 -15.91 -21.67 14.95
C ILE B 174 -16.32 -20.56 15.90
N ASP B 175 -16.96 -20.94 17.01
CA ASP B 175 -17.49 -19.97 17.98
C ASP B 175 -16.70 -19.93 19.27
N GLN B 176 -16.02 -21.03 19.59
CA GLN B 176 -15.25 -21.11 20.82
C GLN B 176 -14.05 -20.18 20.79
N CYS B 177 -13.85 -19.44 21.89
CA CYS B 177 -12.61 -18.70 22.18
C CYS B 177 -12.42 -17.40 21.38
N ILE B 178 -12.75 -17.41 20.10
CA ILE B 178 -12.29 -16.35 19.20
C ILE B 178 -13.21 -15.14 19.09
N ASP B 179 -14.28 -15.11 19.86
CA ASP B 179 -15.25 -14.01 19.78
C ASP B 179 -15.29 -13.20 21.07
N SER C 5 13.93 25.60 11.40
CA SER C 5 14.58 25.54 10.07
C SER C 5 13.53 25.31 8.98
N THR C 6 13.45 26.24 8.02
CA THR C 6 12.25 26.40 7.18
C THR C 6 12.53 26.14 5.70
N SER C 7 13.80 26.12 5.32
CA SER C 7 14.22 26.28 3.93
C SER C 7 14.06 24.99 3.13
N ASP C 8 14.09 25.13 1.81
CA ASP C 8 14.04 23.97 0.92
C ASP C 8 15.28 23.07 1.06
N LEU C 9 15.07 21.78 0.86
CA LEU C 9 16.09 20.76 1.09
C LEU C 9 16.28 19.97 -0.19
N ILE C 10 17.50 19.48 -0.44
CA ILE C 10 17.71 18.51 -1.49
C ILE C 10 16.95 17.24 -1.13
N PRO C 11 16.21 16.68 -2.09
CA PRO C 11 15.32 15.56 -1.79
C PRO C 11 16.12 14.35 -1.38
N ALA C 12 15.59 13.57 -0.44
CA ALA C 12 16.18 12.28 -0.13
C ALA C 12 16.10 11.40 -1.36
N PRO C 13 17.14 10.61 -1.60
CA PRO C 13 17.13 9.74 -2.77
C PRO C 13 16.18 8.58 -2.51
N PRO C 14 15.68 7.95 -3.58
CA PRO C 14 14.97 6.69 -3.40
C PRO C 14 15.90 5.62 -2.88
N LEU C 15 15.37 4.72 -2.04
CA LEU C 15 16.18 3.73 -1.36
C LEU C 15 16.82 2.77 -2.36
N SER C 16 16.26 2.69 -3.57
CA SER C 16 16.80 1.84 -4.63
C SER C 16 18.16 2.32 -5.13
N LYS C 17 18.53 3.55 -4.79
CA LYS C 17 19.86 4.05 -5.15
C LYS C 17 20.88 3.90 -4.03
N VAL C 18 20.47 3.29 -2.91
CA VAL C 18 21.33 3.14 -1.75
C VAL C 18 21.56 1.66 -1.47
N PRO C 19 22.69 1.15 -1.94
CA PRO C 19 22.96 -0.26 -1.74
C PRO C 19 22.92 -0.65 -0.26
N LEU C 20 22.63 -1.93 -0.02
CA LEU C 20 22.76 -2.53 1.30
C LEU C 20 23.91 -3.51 1.27
N GLN C 21 24.86 -3.35 2.18
CA GLN C 21 25.94 -4.32 2.32
C GLN C 21 25.33 -5.73 2.35
N GLN C 22 25.72 -6.58 1.40
CA GLN C 22 25.27 -7.98 1.42
C GLN C 22 25.76 -8.70 2.67
N ASN C 23 24.92 -9.54 3.25
CA ASN C 23 25.31 -10.48 4.32
C ASN C 23 26.02 -9.76 5.46
N PHE C 24 25.37 -8.72 5.96
CA PHE C 24 25.96 -7.88 6.98
C PHE C 24 26.34 -8.67 8.23
N GLN C 25 27.53 -8.39 8.76
CA GLN C 25 28.04 -9.10 9.91
C GLN C 25 28.11 -8.21 11.13
N ASP C 26 27.10 -8.32 11.98
CA ASP C 26 26.91 -7.35 13.03
C ASP C 26 28.06 -7.36 14.06
N ASN C 27 28.61 -8.54 14.32
CA ASN C 27 29.69 -8.63 15.30
C ASN C 27 30.96 -7.97 14.77
N GLN C 28 31.23 -8.16 13.48
CA GLN C 28 32.45 -7.62 12.86
C GLN C 28 32.38 -6.09 12.72
N PHE C 29 31.18 -5.55 12.75
CA PHE C 29 31.00 -4.13 12.57
C PHE C 29 31.22 -3.34 13.87
N GLN C 30 31.25 -4.05 15.00
CA GLN C 30 31.40 -3.43 16.35
C GLN C 30 32.68 -2.63 16.50
N GLY C 31 32.71 -1.82 17.55
CA GLY C 31 33.90 -1.09 17.93
C GLY C 31 33.84 0.37 17.52
N LYS C 32 34.99 1.02 17.55
CA LYS C 32 35.07 2.43 17.28
C LYS C 32 35.24 2.67 15.80
N TRP C 33 34.50 3.65 15.29
CA TRP C 33 34.72 4.20 13.97
C TRP C 33 34.91 5.72 14.06
N TYR C 34 35.82 6.25 13.27
CA TYR C 34 36.01 7.69 13.18
C TYR C 34 35.20 8.21 12.00
N VAL C 35 34.55 9.36 12.18
CA VAL C 35 33.83 9.97 11.07
C VAL C 35 34.77 10.79 10.21
N VAL C 36 35.20 10.18 9.11
CA VAL C 36 36.27 10.72 8.29
C VAL C 36 35.65 11.53 7.15
N GLY C 37 34.40 11.22 6.81
CA GLY C 37 33.65 11.98 5.82
C GLY C 37 32.18 12.09 6.16
N LEU C 38 31.59 13.21 5.77
CA LEU C 38 30.20 13.50 6.07
C LEU C 38 29.60 14.17 4.86
N ALA C 39 28.46 13.67 4.41
CA ALA C 39 27.74 14.32 3.32
C ALA C 39 26.25 14.24 3.59
N GLY C 40 25.52 15.28 3.19
CA GLY C 40 24.07 15.26 3.37
C GLY C 40 23.38 16.57 3.08
N ASN C 41 22.04 16.53 3.09
CA ASN C 41 21.26 17.68 2.64
C ASN C 41 21.16 18.80 3.67
N ALA C 42 21.67 18.55 4.87
CA ALA C 42 21.87 19.61 5.87
C ALA C 42 23.34 19.82 6.25
N ILE C 43 24.24 19.12 5.58
CA ILE C 43 25.68 19.36 5.72
C ILE C 43 26.13 20.49 4.80
N LEU C 44 26.81 21.48 5.38
CA LEU C 44 27.29 22.64 4.62
C LEU C 44 28.75 22.95 4.96
N ARG C 45 29.61 22.90 3.94
CA ARG C 45 31.01 23.26 4.10
C ARG C 45 31.16 24.69 4.61
N GLU C 46 31.80 24.85 5.77
CA GLU C 46 32.17 26.17 6.27
C GLU C 46 33.70 26.31 6.30
N ASP C 47 34.23 27.04 5.32
CA ASP C 47 35.67 27.31 5.24
C ASP C 47 36.18 28.01 6.50
N LYS C 48 35.39 28.94 7.02
CA LYS C 48 35.80 29.75 8.18
C LYS C 48 35.95 28.91 9.45
N ASP C 49 34.99 28.03 9.72
CA ASP C 49 34.96 27.28 10.98
C ASP C 49 34.75 25.77 10.75
N PRO C 50 35.83 25.05 10.42
CA PRO C 50 35.72 23.70 9.89
C PRO C 50 35.26 22.71 10.96
N GLN C 51 34.49 21.73 10.55
CA GLN C 51 33.95 20.75 11.48
C GLN C 51 35.04 19.79 11.97
N LYS C 52 35.00 19.47 13.27
CA LYS C 52 35.98 18.58 13.87
C LYS C 52 35.55 17.12 13.79
N MET C 53 36.52 16.24 13.60
CA MET C 53 36.29 14.81 13.64
C MET C 53 35.70 14.41 14.99
N TYR C 54 34.75 13.49 14.94
CA TYR C 54 34.28 12.80 16.13
C TYR C 54 34.27 11.30 15.86
N ALA C 55 34.04 10.52 16.90
CA ALA C 55 34.03 9.08 16.79
C ALA C 55 32.70 8.49 17.21
N THR C 56 32.35 7.33 16.63
CA THR C 56 31.13 6.67 16.97
C THR C 56 31.40 5.21 17.25
N ILE C 57 30.92 4.74 18.39
CA ILE C 57 31.25 3.41 18.88
C ILE C 57 30.02 2.52 18.88
N TYR C 58 30.12 1.37 18.19
CA TYR C 58 29.02 0.41 18.10
C TYR C 58 29.26 -0.78 19.03
N GLU C 59 28.34 -0.99 19.97
CA GLU C 59 28.43 -2.14 20.86
C GLU C 59 27.22 -3.05 20.67
N LEU C 60 27.48 -4.28 20.27
CA LEU C 60 26.43 -5.25 20.01
C LEU C 60 25.94 -5.82 21.33
N LYS C 61 24.65 -5.70 21.60
CA LYS C 61 24.07 -6.23 22.83
C LYS C 61 23.58 -7.66 22.67
N GLU C 62 23.28 -8.32 23.78
CA GLU C 62 22.72 -9.67 23.79
C GLU C 62 21.55 -9.80 22.81
N ASP C 63 20.66 -8.81 22.80
CA ASP C 63 19.47 -8.86 21.97
C ASP C 63 19.71 -8.41 20.51
N LYS C 64 20.96 -8.17 20.15
CA LYS C 64 21.35 -7.90 18.75
C LYS C 64 21.10 -6.45 18.31
N SER C 65 20.60 -5.63 19.22
CA SER C 65 20.60 -4.20 19.00
C SER C 65 22.00 -3.67 19.30
N TYR C 66 22.31 -2.51 18.74
CA TYR C 66 23.55 -1.80 19.09
C TYR C 66 23.25 -0.72 20.11
N ASN C 67 24.09 -0.64 21.13
CA ASN C 67 24.35 0.64 21.78
C ASN C 67 25.38 1.45 21.01
N VAL C 68 24.98 2.66 20.65
CA VAL C 68 25.79 3.50 19.77
C VAL C 68 26.15 4.78 20.51
N THR C 69 27.44 5.02 20.64
CA THR C 69 27.94 6.16 21.41
C THR C 69 28.82 7.02 20.53
N SER C 70 28.46 8.28 20.39
CA SER C 70 29.30 9.21 19.65
C SER C 70 29.99 10.15 20.64
N VAL C 71 31.29 10.35 20.43
CA VAL C 71 32.07 11.20 21.29
C VAL C 71 32.53 12.41 20.49
N LEU C 72 32.21 13.62 20.98
CA LEU C 72 32.56 14.86 20.30
C LEU C 72 33.34 15.78 21.24
N PHE C 73 34.24 16.58 20.68
CA PHE C 73 34.87 17.66 21.42
C PHE C 73 34.15 18.97 21.13
N ARG C 74 33.43 19.50 22.11
CA ARG C 74 32.70 20.75 21.92
C ARG C 74 32.64 21.59 23.18
N LYS C 75 32.86 22.89 23.02
CA LYS C 75 32.88 23.82 24.13
C LYS C 75 33.88 23.38 25.19
N LYS C 76 34.99 22.79 24.71
CA LYS C 76 36.12 22.43 25.57
C LYS C 76 35.84 21.23 26.46
N LYS C 77 34.83 20.45 26.10
CA LYS C 77 34.48 19.25 26.85
C LYS C 77 34.23 18.07 25.93
N CYS C 78 34.32 16.87 26.47
CA CYS C 78 33.87 15.68 25.77
C CYS C 78 32.37 15.51 25.92
N ASP C 79 31.69 15.43 24.78
CA ASP C 79 30.24 15.36 24.74
C ASP C 79 29.87 13.98 24.19
N TYR C 80 28.87 13.36 24.79
CA TYR C 80 28.57 11.97 24.48
C TYR C 80 27.10 11.89 24.10
N TRP C 81 26.83 11.36 22.92
CA TRP C 81 25.47 11.01 22.56
C TRP C 81 25.31 9.51 22.45
N ILE C 82 24.48 8.96 23.33
CA ILE C 82 24.20 7.54 23.36
C ILE C 82 22.81 7.31 22.81
N ARG C 83 22.69 6.36 21.89
CA ARG C 83 21.37 5.93 21.44
C ARG C 83 21.39 4.46 21.02
N THR C 84 20.23 3.95 20.65
CA THR C 84 20.05 2.54 20.42
C THR C 84 19.65 2.33 18.97
N PHE C 85 20.38 1.47 18.26
CA PHE C 85 19.97 1.05 16.92
C PHE C 85 19.34 -0.33 16.98
N VAL C 86 18.06 -0.40 16.63
CA VAL C 86 17.31 -1.64 16.64
C VAL C 86 17.29 -2.26 15.23
N PRO C 87 17.56 -3.56 15.13
CA PRO C 87 17.61 -4.18 13.80
C PRO C 87 16.32 -3.96 13.04
N GLY C 88 16.42 -3.60 11.77
CA GLY C 88 15.24 -3.42 10.93
C GLY C 88 14.97 -4.64 10.08
N SER C 89 14.43 -4.41 8.88
CA SER C 89 13.81 -5.49 8.10
C SER C 89 14.85 -6.46 7.52
N GLN C 90 16.07 -5.96 7.37
CA GLN C 90 17.14 -6.67 6.68
C GLN C 90 18.42 -6.45 7.47
N PRO C 91 19.28 -7.48 7.55
CA PRO C 91 20.55 -7.27 8.23
C PRO C 91 21.33 -6.10 7.64
N GLY C 92 21.81 -5.22 8.51
CA GLY C 92 22.50 -4.00 8.10
C GLY C 92 21.62 -2.78 8.06
N GLU C 93 20.32 -2.97 8.30
CA GLU C 93 19.41 -1.86 8.48
C GLU C 93 19.00 -1.74 9.93
N PHE C 94 18.79 -0.51 10.38
CA PHE C 94 18.37 -0.28 11.74
C PHE C 94 17.37 0.87 11.81
N THR C 95 16.55 0.85 12.84
CA THR C 95 15.82 2.03 13.25
C THR C 95 16.26 2.49 14.63
N LEU C 96 15.89 3.71 15.00
CA LEU C 96 16.26 4.27 16.28
C LEU C 96 15.31 3.71 17.32
N GLY C 97 15.85 3.25 18.44
CA GLY C 97 15.02 2.84 19.57
C GLY C 97 14.47 4.04 20.32
N ASN C 98 13.34 3.86 20.99
CA ASN C 98 12.73 4.90 21.83
CA ASN C 98 12.73 4.90 21.82
C ASN C 98 12.46 6.21 21.07
N ILE C 99 11.97 6.10 19.84
CA ILE C 99 11.78 7.27 19.00
C ILE C 99 10.91 8.34 19.64
N LYS C 100 9.98 7.92 20.49
CA LYS C 100 9.04 8.87 21.10
C LYS C 100 9.75 9.86 22.04
N SER C 101 10.94 9.51 22.49
CA SER C 101 11.65 10.34 23.45
C SER C 101 12.45 11.46 22.77
N TYR C 102 12.43 11.48 21.45
CA TYR C 102 12.99 12.60 20.69
C TYR C 102 11.90 13.48 20.08
N PRO C 103 11.72 14.71 20.61
CA PRO C 103 10.58 15.51 20.19
C PRO C 103 10.63 15.89 18.70
N GLY C 104 9.50 15.78 18.01
CA GLY C 104 9.44 16.10 16.59
C GLY C 104 9.85 14.97 15.64
N LEU C 105 10.46 13.91 16.18
CA LEU C 105 11.03 12.86 15.36
C LEU C 105 9.98 11.80 15.01
N THR C 106 9.77 11.54 13.72
CA THR C 106 8.76 10.58 13.30
C THR C 106 9.33 9.35 12.62
N SER C 107 10.50 9.45 12.00
CA SER C 107 11.16 8.27 11.47
C SER C 107 12.68 8.42 11.43
N TYR C 108 13.35 7.28 11.47
CA TYR C 108 14.79 7.27 11.51
C TYR C 108 15.32 5.94 11.01
N LEU C 109 16.00 5.96 9.87
CA LEU C 109 16.46 4.75 9.22
C LEU C 109 17.98 4.80 9.05
N VAL C 110 18.62 3.68 9.38
CA VAL C 110 20.04 3.52 9.16
C VAL C 110 20.23 2.37 8.18
N ARG C 111 21.08 2.56 7.17
CA ARG C 111 21.43 1.48 6.27
C ARG C 111 22.93 1.46 6.02
N VAL C 112 23.56 0.36 6.39
CA VAL C 112 24.97 0.18 6.07
C VAL C 112 25.12 -0.15 4.58
N VAL C 113 25.78 0.74 3.86
CA VAL C 113 25.90 0.66 2.41
C VAL C 113 27.02 -0.28 1.98
N SER C 114 28.19 -0.11 2.56
CA SER C 114 29.27 -1.06 2.32
C SER C 114 30.33 -0.93 3.38
N THR C 115 31.02 -2.02 3.63
CA THR C 115 32.11 -2.01 4.59
C THR C 115 32.99 -3.23 4.36
N ASN C 116 34.25 -3.12 4.76
CA ASN C 116 35.09 -4.28 4.89
C ASN C 116 35.44 -4.57 6.35
N TYR C 117 34.77 -3.86 7.24
CA TYR C 117 34.79 -4.17 8.68
C TYR C 117 36.08 -3.73 9.41
N ASN C 118 37.25 -3.92 8.80
CA ASN C 118 38.51 -3.62 9.46
C ASN C 118 39.14 -2.31 9.10
N GLN C 119 38.55 -1.58 8.18
CA GLN C 119 39.16 -0.35 7.68
C GLN C 119 38.13 0.74 7.48
N HIS C 120 37.13 0.47 6.63
CA HIS C 120 36.24 1.51 6.18
C HIS C 120 34.77 1.06 6.15
N ALA C 121 33.88 2.04 6.20
CA ALA C 121 32.46 1.80 6.01
C ALA C 121 31.78 3.06 5.48
N MET C 122 30.71 2.87 4.71
CA MET C 122 29.79 3.95 4.41
C MET C 122 28.42 3.59 4.93
N VAL C 123 27.79 4.54 5.62
CA VAL C 123 26.48 4.32 6.19
C VAL C 123 25.53 5.44 5.80
N PHE C 124 24.32 5.05 5.42
CA PHE C 124 23.30 5.99 5.00
C PHE C 124 22.30 6.16 6.14
N PHE C 125 21.94 7.41 6.43
CA PHE C 125 20.95 7.73 7.45
C PHE C 125 19.86 8.57 6.84
N LYS C 126 18.62 8.29 7.20
CA LYS C 126 17.50 9.11 6.79
C LYS C 126 16.56 9.31 7.95
N LYS C 127 16.15 10.55 8.17
CA LYS C 127 15.30 10.86 9.30
C LYS C 127 14.27 11.90 8.88
N VAL C 128 13.09 11.80 9.47
CA VAL C 128 12.05 12.80 9.27
C VAL C 128 11.76 13.48 10.60
N SER C 129 11.89 14.79 10.62
CA SER C 129 11.71 15.56 11.84
C SER C 129 11.02 16.87 11.52
N GLN C 130 9.94 17.16 12.24
CA GLN C 130 9.05 18.24 11.87
C GLN C 130 8.65 18.13 10.40
N ASN C 131 8.42 16.91 9.94
CA ASN C 131 7.97 16.68 8.58
C ASN C 131 9.05 16.91 7.52
N ARG C 132 10.24 17.32 7.93
CA ARG C 132 11.32 17.57 6.99
C ARG C 132 12.22 16.35 6.90
N GLU C 133 12.60 16.00 5.68
CA GLU C 133 13.30 14.77 5.42
C GLU C 133 14.79 15.04 5.24
N TYR C 134 15.59 14.63 6.23
CA TYR C 134 17.03 14.80 6.20
C TYR C 134 17.70 13.49 5.84
N PHE C 135 18.81 13.57 5.11
CA PHE C 135 19.65 12.39 4.91
C PHE C 135 21.11 12.75 4.93
N LYS C 136 21.92 11.79 5.34
CA LYS C 136 23.35 11.95 5.31
C LYS C 136 24.02 10.63 5.04
N ILE C 137 25.23 10.71 4.51
CA ILE C 137 26.10 9.56 4.37
C ILE C 137 27.35 9.80 5.17
N THR C 138 27.73 8.80 5.95
CA THR C 138 28.91 8.88 6.77
C THR C 138 29.98 7.97 6.21
N LEU C 139 31.20 8.48 6.11
CA LEU C 139 32.36 7.66 5.80
C LEU C 139 33.13 7.37 7.06
N TYR C 140 33.16 6.10 7.45
CA TYR C 140 33.81 5.63 8.68
C TYR C 140 35.21 5.11 8.38
N GLY C 141 36.18 5.46 9.22
CA GLY C 141 37.47 4.76 9.23
C GLY C 141 37.78 4.17 10.59
N ARG C 142 38.49 3.05 10.60
CA ARG C 142 38.97 2.48 11.86
C ARG C 142 40.11 3.34 12.41
N THR C 143 40.81 4.05 11.52
CA THR C 143 41.71 5.14 11.91
C THR C 143 41.21 6.48 11.37
N LYS C 144 41.91 7.56 11.72
CA LYS C 144 41.49 8.91 11.39
C LYS C 144 41.78 9.28 9.94
N GLU C 145 42.52 8.43 9.24
CA GLU C 145 42.94 8.73 7.88
C GLU C 145 42.38 7.69 6.93
N LEU C 146 42.03 8.12 5.73
CA LEU C 146 41.77 7.15 4.68
C LEU C 146 42.37 7.63 3.39
N THR C 147 42.53 6.70 2.47
CA THR C 147 43.18 6.99 1.19
C THR C 147 42.32 7.95 0.36
N SER C 148 42.98 8.69 -0.53
CA SER C 148 42.30 9.46 -1.57
C SER C 148 41.28 8.61 -2.29
N GLU C 149 41.64 7.37 -2.59
CA GLU C 149 40.78 6.48 -3.35
C GLU C 149 39.44 6.26 -2.66
N LEU C 150 39.49 5.96 -1.37
CA LEU C 150 38.27 5.75 -0.60
C LEU C 150 37.44 7.03 -0.46
N LYS C 151 38.12 8.16 -0.31
CA LYS C 151 37.43 9.43 -0.19
C LYS C 151 36.78 9.87 -1.50
N GLU C 152 37.46 9.61 -2.61
CA GLU C 152 36.87 9.85 -3.93
C GLU C 152 35.66 8.96 -4.19
N ASN C 153 35.71 7.71 -3.73
CA ASN C 153 34.56 6.80 -3.89
C ASN C 153 33.36 7.35 -3.13
N PHE C 154 33.63 7.92 -1.96
CA PHE C 154 32.59 8.48 -1.11
C PHE C 154 31.98 9.73 -1.73
N ILE C 155 32.82 10.55 -2.33
CA ILE C 155 32.34 11.71 -3.06
C ILE C 155 31.48 11.27 -4.24
N ARG C 156 31.95 10.26 -4.97
CA ARG C 156 31.23 9.75 -6.13
C ARG C 156 29.84 9.27 -5.72
N PHE C 157 29.78 8.49 -4.65
CA PHE C 157 28.53 7.96 -4.15
C PHE C 157 27.60 9.08 -3.66
N SER C 158 28.16 10.04 -2.95
CA SER C 158 27.37 11.16 -2.45
C SER C 158 26.72 11.93 -3.59
N LYS C 159 27.48 12.16 -4.67
CA LYS C 159 26.94 12.85 -5.83
C LYS C 159 25.84 12.06 -6.50
N SER C 160 25.97 10.74 -6.52
CA SER C 160 24.96 9.90 -7.16
C SER C 160 23.61 10.01 -6.43
N LEU C 161 23.65 10.50 -5.18
CA LEU C 161 22.44 10.68 -4.38
C LEU C 161 21.97 12.13 -4.41
N GLY C 162 22.57 12.94 -5.26
CA GLY C 162 22.06 14.27 -5.55
C GLY C 162 22.82 15.39 -4.83
N LEU C 163 23.87 15.05 -4.09
CA LEU C 163 24.60 16.03 -3.30
C LEU C 163 25.75 16.64 -4.08
N PRO C 164 25.81 17.97 -4.15
CA PRO C 164 26.97 18.65 -4.70
C PRO C 164 28.11 18.78 -3.69
N GLU C 165 29.25 19.25 -4.17
CA GLU C 165 30.52 19.07 -3.45
C GLU C 165 30.57 19.91 -2.17
N ASN C 166 29.83 21.01 -2.15
CA ASN C 166 29.77 21.84 -0.95
C ASN C 166 28.83 21.29 0.13
N HIS C 167 28.19 20.16 -0.13
CA HIS C 167 27.45 19.42 0.90
C HIS C 167 28.23 18.18 1.32
N ILE C 168 29.53 18.18 1.03
CA ILE C 168 30.44 17.12 1.44
C ILE C 168 31.62 17.70 2.20
N VAL C 169 31.87 17.19 3.41
CA VAL C 169 32.98 17.66 4.22
C VAL C 169 33.82 16.52 4.77
N PHE C 170 35.07 16.85 5.07
CA PHE C 170 35.98 15.91 5.69
C PHE C 170 36.47 16.51 6.99
N PRO C 171 35.87 16.11 8.10
CA PRO C 171 36.20 16.65 9.41
C PRO C 171 37.67 16.53 9.73
N VAL C 172 38.20 17.57 10.38
CA VAL C 172 39.61 17.66 10.67
C VAL C 172 39.95 16.76 11.86
N PRO C 173 40.98 15.92 11.71
CA PRO C 173 41.41 15.08 12.82
C PRO C 173 41.77 15.90 14.05
N ILE C 174 41.41 15.39 15.21
CA ILE C 174 41.81 16.00 16.48
C ILE C 174 42.18 14.90 17.47
N ASP C 175 42.76 15.32 18.60
CA ASP C 175 43.26 14.37 19.60
C ASP C 175 42.40 14.35 20.86
N GLN C 176 41.68 15.43 21.13
CA GLN C 176 40.83 15.51 22.31
C GLN C 176 39.63 14.56 22.22
N CYS C 177 39.39 13.84 23.31
CA CYS C 177 38.16 13.08 23.53
C CYS C 177 38.02 11.78 22.74
N ILE C 178 38.43 11.77 21.48
CA ILE C 178 38.03 10.69 20.57
C ILE C 178 38.96 9.48 20.50
N ASP C 179 40.00 9.43 21.33
CA ASP C 179 40.96 8.31 21.30
C ASP C 179 40.93 7.50 22.60
N ASP D 4 -3.39 45.85 -11.52
CA ASP D 4 -3.81 46.66 -12.69
C ASP D 4 -4.09 45.73 -13.88
N SER D 5 -5.35 45.28 -14.01
CA SER D 5 -5.65 44.08 -14.80
C SER D 5 -7.15 43.93 -15.16
N THR D 6 -7.43 42.87 -15.92
CA THR D 6 -8.72 42.18 -15.92
C THR D 6 -8.48 40.66 -15.79
N SER D 7 -9.46 39.88 -15.32
CA SER D 7 -9.36 38.40 -15.41
C SER D 7 -10.52 37.56 -14.82
N ASP D 8 -11.41 37.04 -15.66
CA ASP D 8 -12.70 36.51 -15.18
C ASP D 8 -12.59 35.20 -14.41
N LEU D 9 -13.50 35.03 -13.46
CA LEU D 9 -13.52 33.86 -12.61
C LEU D 9 -14.92 33.27 -12.57
N ILE D 10 -14.99 31.95 -12.60
CA ILE D 10 -16.25 31.28 -12.32
C ILE D 10 -16.64 31.59 -10.88
N PRO D 11 -17.89 32.00 -10.67
CA PRO D 11 -18.36 32.38 -9.35
C PRO D 11 -18.27 31.24 -8.34
N ALA D 12 -17.93 31.56 -7.11
CA ALA D 12 -17.97 30.55 -6.06
C ALA D 12 -19.39 30.05 -5.88
N PRO D 13 -19.55 28.75 -5.60
CA PRO D 13 -20.89 28.25 -5.30
C PRO D 13 -21.36 28.76 -3.94
N PRO D 14 -22.68 28.84 -3.75
CA PRO D 14 -23.20 29.02 -2.39
C PRO D 14 -22.84 27.86 -1.48
N LEU D 15 -22.58 28.15 -0.21
CA LEU D 15 -22.10 27.15 0.72
C LEU D 15 -23.10 26.04 0.97
N SER D 16 -24.36 26.34 0.69
CA SER D 16 -25.42 25.35 0.80
C SER D 16 -25.23 24.18 -0.17
N LYS D 17 -24.40 24.36 -1.20
CA LYS D 17 -24.17 23.27 -2.16
C LYS D 17 -22.94 22.45 -1.82
N VAL D 18 -22.31 22.76 -0.69
CA VAL D 18 -21.10 22.07 -0.26
C VAL D 18 -21.36 21.30 1.04
N PRO D 19 -21.59 19.99 0.93
CA PRO D 19 -21.83 19.19 2.11
C PRO D 19 -20.70 19.22 3.13
N LEU D 20 -21.07 18.94 4.37
CA LEU D 20 -20.12 18.79 5.44
C LEU D 20 -20.12 17.33 5.89
N GLN D 21 -18.95 16.71 5.93
CA GLN D 21 -18.82 15.36 6.49
C GLN D 21 -19.52 15.29 7.85
N GLN D 22 -20.50 14.40 7.99
CA GLN D 22 -21.20 14.25 9.28
C GLN D 22 -20.26 13.69 10.34
N ASN D 23 -20.39 14.22 11.56
CA ASN D 23 -19.65 13.75 12.72
C ASN D 23 -18.15 13.70 12.49
N PHE D 24 -17.58 14.83 12.07
CA PHE D 24 -16.18 14.85 11.67
C PHE D 24 -15.29 14.45 12.84
N GLN D 25 -14.32 13.58 12.58
CA GLN D 25 -13.41 13.09 13.60
C GLN D 25 -12.01 13.67 13.38
N ASP D 26 -11.70 14.73 14.11
CA ASP D 26 -10.46 15.47 13.85
C ASP D 26 -9.20 14.64 14.06
N ASN D 27 -9.22 13.76 15.05
CA ASN D 27 -8.05 12.92 15.32
C ASN D 27 -7.80 11.92 14.19
N GLN D 28 -8.86 11.33 13.65
CA GLN D 28 -8.74 10.32 12.61
C GLN D 28 -8.31 10.92 11.27
N PHE D 29 -8.51 12.23 11.12
CA PHE D 29 -8.21 12.88 9.86
C PHE D 29 -6.72 13.26 9.75
N GLN D 30 -6.00 13.16 10.87
CA GLN D 30 -4.57 13.45 10.94
C GLN D 30 -3.73 12.61 10.00
N GLY D 31 -2.51 13.07 9.75
CA GLY D 31 -1.54 12.32 9.01
C GLY D 31 -1.40 12.83 7.59
N LYS D 32 -0.78 12.02 6.73
CA LYS D 32 -0.45 12.45 5.40
C LYS D 32 -1.58 12.14 4.42
N TRP D 33 -1.88 13.10 3.55
CA TRP D 33 -2.77 12.88 2.42
C TRP D 33 -2.09 13.33 1.12
N TYR D 34 -2.29 12.57 0.05
CA TYR D 34 -1.77 12.93 -1.25
C TYR D 34 -2.85 13.67 -2.00
N VAL D 35 -2.46 14.72 -2.73
CA VAL D 35 -3.43 15.41 -3.57
C VAL D 35 -3.55 14.73 -4.93
N VAL D 36 -4.59 13.91 -5.04
CA VAL D 36 -4.77 13.04 -6.20
C VAL D 36 -5.62 13.74 -7.25
N GLY D 37 -6.42 14.72 -6.80
CA GLY D 37 -7.22 15.52 -7.70
C GLY D 37 -7.35 16.95 -7.23
N LEU D 38 -7.46 17.87 -8.20
CA LEU D 38 -7.56 19.29 -7.91
C LEU D 38 -8.57 19.90 -8.86
N ALA D 39 -9.54 20.62 -8.34
CA ALA D 39 -10.47 21.36 -9.19
C ALA D 39 -10.71 22.74 -8.61
N GLY D 40 -10.87 23.74 -9.47
CA GLY D 40 -11.19 25.07 -9.00
C GLY D 40 -11.15 26.15 -10.04
N ASN D 41 -11.60 27.34 -9.67
CA ASN D 41 -11.85 28.38 -10.66
C ASN D 41 -10.57 29.08 -11.11
N ALA D 42 -9.45 28.75 -10.48
CA ALA D 42 -8.14 29.16 -10.97
C ALA D 42 -7.28 28.00 -11.41
N ILE D 43 -7.82 26.79 -11.32
CA ILE D 43 -7.13 25.60 -11.81
C ILE D 43 -7.36 25.47 -13.30
N LEU D 44 -6.27 25.34 -14.06
CA LEU D 44 -6.36 25.26 -15.52
C LEU D 44 -5.47 24.12 -16.03
N ARG D 45 -6.09 23.14 -16.68
CA ARG D 45 -5.37 22.03 -17.27
C ARG D 45 -4.35 22.52 -18.31
N GLU D 46 -3.08 22.21 -18.07
CA GLU D 46 -2.02 22.42 -19.05
C GLU D 46 -1.44 21.07 -19.50
N ASP D 47 -1.86 20.62 -20.67
CA ASP D 47 -1.36 19.38 -21.25
C ASP D 47 0.17 19.42 -21.41
N LYS D 48 0.68 20.58 -21.80
CA LYS D 48 2.11 20.73 -22.10
C LYS D 48 2.97 20.54 -20.85
N ASP D 49 2.57 21.13 -19.73
CA ASP D 49 3.39 21.13 -18.52
C ASP D 49 2.60 20.71 -17.27
N PRO D 50 2.45 19.39 -17.07
CA PRO D 50 1.46 18.90 -16.12
C PRO D 50 1.87 19.12 -14.66
N GLN D 51 0.89 19.35 -13.80
CA GLN D 51 1.15 19.58 -12.38
C GLN D 51 1.55 18.30 -11.65
N LYS D 52 2.54 18.40 -10.76
CA LYS D 52 3.02 17.25 -10.02
C LYS D 52 2.27 17.06 -8.72
N MET D 53 2.04 15.81 -8.34
CA MET D 53 1.45 15.48 -7.06
C MET D 53 2.28 16.07 -5.93
N TYR D 54 1.59 16.57 -4.92
CA TYR D 54 2.20 16.94 -3.65
C TYR D 54 1.40 16.33 -2.53
N ALA D 55 1.92 16.42 -1.32
CA ALA D 55 1.27 15.85 -0.15
C ALA D 55 0.99 16.91 0.90
N THR D 56 -0.04 16.68 1.70
CA THR D 56 -0.40 17.60 2.76
C THR D 56 -0.64 16.87 4.06
N ILE D 57 0.01 17.34 5.12
CA ILE D 57 0.09 16.59 6.37
C ILE D 57 -0.62 17.36 7.48
N TYR D 58 -1.61 16.72 8.09
CA TYR D 58 -2.44 17.36 9.11
C TYR D 58 -2.02 16.86 10.51
N GLU D 59 -1.61 17.79 11.36
CA GLU D 59 -1.24 17.46 12.72
C GLU D 59 -2.15 18.19 13.70
N LEU D 60 -2.87 17.43 14.50
CA LEU D 60 -3.80 18.00 15.46
C LEU D 60 -3.02 18.47 16.68
N LYS D 61 -3.14 19.75 17.01
CA LYS D 61 -2.46 20.29 18.18
C LYS D 61 -3.30 20.15 19.44
N GLU D 62 -2.68 20.37 20.59
CA GLU D 62 -3.36 20.34 21.87
C GLU D 62 -4.64 21.19 21.85
N ASP D 63 -4.57 22.37 21.25
CA ASP D 63 -5.70 23.28 21.23
C ASP D 63 -6.73 22.98 20.13
N LYS D 64 -6.54 21.86 19.41
CA LYS D 64 -7.52 21.36 18.44
C LYS D 64 -7.47 22.07 17.09
N SER D 65 -6.53 22.99 16.93
CA SER D 65 -6.20 23.48 15.61
C SER D 65 -5.30 22.46 14.93
N TYR D 66 -5.27 22.50 13.59
CA TYR D 66 -4.29 21.71 12.85
C TYR D 66 -3.10 22.58 12.49
N ASN D 67 -1.90 22.03 12.67
CA ASN D 67 -0.79 22.36 11.82
C ASN D 67 -0.88 21.61 10.52
N VAL D 68 -0.82 22.36 9.42
CA VAL D 68 -0.95 21.77 8.11
C VAL D 68 0.29 22.06 7.28
N THR D 69 0.95 20.99 6.83
CA THR D 69 2.20 21.12 6.11
C THR D 69 2.07 20.46 4.75
N SER D 70 2.31 21.23 3.70
CA SER D 70 2.30 20.68 2.37
C SER D 70 3.73 20.55 1.88
N VAL D 71 4.04 19.41 1.27
CA VAL D 71 5.36 19.16 0.75
C VAL D 71 5.31 19.07 -0.77
N LEU D 72 6.08 19.91 -1.45
CA LEU D 72 6.08 19.95 -2.92
C LEU D 72 7.48 19.74 -3.45
N PHE D 73 7.58 19.15 -4.64
CA PHE D 73 8.84 19.08 -5.37
C PHE D 73 8.89 20.20 -6.41
N ARG D 74 9.76 21.19 -6.18
CA ARG D 74 9.85 22.36 -7.04
C ARG D 74 11.30 22.80 -7.21
N LYS D 75 11.71 23.00 -8.47
CA LYS D 75 13.06 23.45 -8.78
C LYS D 75 14.09 22.52 -8.13
N LYS D 76 13.75 21.23 -8.12
CA LYS D 76 14.67 20.17 -7.71
C LYS D 76 14.92 20.08 -6.21
N LYS D 77 14.04 20.69 -5.43
CA LYS D 77 14.13 20.65 -3.98
C LYS D 77 12.77 20.39 -3.38
N CYS D 78 12.76 19.95 -2.13
CA CYS D 78 11.53 19.84 -1.36
C CYS D 78 11.17 21.18 -0.75
N ASP D 79 9.94 21.61 -1.04
CA ASP D 79 9.46 22.91 -0.59
CA ASP D 79 9.46 22.91 -0.61
C ASP D 79 8.35 22.65 0.40
N TYR D 80 8.33 23.43 1.47
CA TYR D 80 7.39 23.19 2.55
C TYR D 80 6.52 24.44 2.79
N TRP D 81 5.19 24.31 2.70
CA TRP D 81 4.29 25.38 3.13
C TRP D 81 3.55 24.98 4.41
N ILE D 82 3.81 25.70 5.47
CA ILE D 82 3.18 25.43 6.75
C ILE D 82 2.14 26.50 7.05
N ARG D 83 0.94 26.07 7.43
CA ARG D 83 -0.03 27.01 7.95
C ARG D 83 -0.94 26.35 9.00
N THR D 84 -1.85 27.14 9.56
CA THR D 84 -2.66 26.72 10.67
C THR D 84 -4.15 26.73 10.25
N PHE D 85 -4.85 25.62 10.47
CA PHE D 85 -6.32 25.60 10.33
C PHE D 85 -7.00 25.67 11.71
N VAL D 86 -7.76 26.74 11.93
CA VAL D 86 -8.47 26.97 13.19
C VAL D 86 -9.92 26.52 13.08
N PRO D 87 -10.40 25.74 14.07
CA PRO D 87 -11.77 25.22 14.01
C PRO D 87 -12.78 26.35 13.84
N GLY D 88 -13.71 26.18 12.93
CA GLY D 88 -14.72 27.19 12.64
C GLY D 88 -16.07 26.85 13.26
N SER D 89 -17.13 27.07 12.48
CA SER D 89 -18.48 27.14 13.00
C SER D 89 -19.11 25.77 13.27
N GLN D 90 -18.54 24.72 12.69
CA GLN D 90 -19.01 23.36 12.93
C GLN D 90 -17.88 22.34 12.63
N PRO D 91 -17.95 21.14 13.22
CA PRO D 91 -16.81 20.25 13.13
C PRO D 91 -16.53 19.90 11.67
N GLY D 92 -15.28 20.00 11.26
CA GLY D 92 -14.91 19.74 9.88
C GLY D 92 -14.76 21.02 9.06
N GLU D 93 -15.08 22.15 9.70
CA GLU D 93 -14.90 23.45 9.06
C GLU D 93 -13.82 24.27 9.77
N PHE D 94 -13.01 24.99 9.00
CA PHE D 94 -11.86 25.69 9.54
C PHE D 94 -11.71 27.05 8.86
N THR D 95 -11.06 27.98 9.55
CA THR D 95 -10.47 29.14 8.90
C THR D 95 -8.95 29.09 9.01
N LEU D 96 -8.29 29.92 8.21
CA LEU D 96 -6.84 30.04 8.28
C LEU D 96 -6.50 30.86 9.50
N GLY D 97 -5.53 30.39 10.27
CA GLY D 97 -5.00 31.20 11.37
C GLY D 97 -4.06 32.28 10.87
N ASN D 98 -3.93 33.35 11.66
CA ASN D 98 -3.00 34.43 11.37
CA ASN D 98 -2.98 34.41 11.36
C ASN D 98 -3.22 35.04 9.99
N ILE D 99 -4.48 35.23 9.63
CA ILE D 99 -4.83 35.73 8.31
C ILE D 99 -4.16 37.07 7.99
N LYS D 100 -3.92 37.88 9.02
CA LYS D 100 -3.36 39.22 8.82
C LYS D 100 -1.94 39.16 8.27
N SER D 101 -1.28 38.02 8.43
CA SER D 101 0.10 37.90 8.03
C SER D 101 0.23 37.58 6.53
N TYR D 102 -0.89 37.32 5.87
CA TYR D 102 -0.90 37.10 4.43
C TYR D 102 -1.45 38.31 3.69
N PRO D 103 -0.58 39.05 2.99
CA PRO D 103 -1.03 40.33 2.44
C PRO D 103 -2.09 40.10 1.37
N GLY D 104 -3.13 40.94 1.37
CA GLY D 104 -4.20 40.84 0.38
C GLY D 104 -5.30 39.87 0.75
N LEU D 105 -5.07 39.04 1.75
CA LEU D 105 -6.00 37.96 2.08
C LEU D 105 -7.04 38.44 3.08
N THR D 106 -8.31 38.30 2.73
CA THR D 106 -9.37 38.80 3.60
C THR D 106 -10.23 37.69 4.18
N SER D 107 -10.35 36.58 3.48
CA SER D 107 -11.10 35.45 4.02
CA SER D 107 -11.08 35.45 4.04
C SER D 107 -10.59 34.11 3.48
N TYR D 108 -10.79 33.06 4.25
CA TYR D 108 -10.26 31.74 3.92
C TYR D 108 -11.01 30.65 4.67
N LEU D 109 -11.76 29.84 3.96
CA LEU D 109 -12.62 28.85 4.58
C LEU D 109 -12.27 27.47 4.08
N VAL D 110 -12.21 26.53 5.00
CA VAL D 110 -11.99 25.13 4.69
C VAL D 110 -13.18 24.32 5.17
N ARG D 111 -13.70 23.45 4.32
CA ARG D 111 -14.75 22.54 4.74
C ARG D 111 -14.47 21.14 4.24
N VAL D 112 -14.38 20.19 5.16
CA VAL D 112 -14.26 18.79 4.79
C VAL D 112 -15.61 18.25 4.32
N VAL D 113 -15.69 17.89 3.04
CA VAL D 113 -16.94 17.50 2.42
C VAL D 113 -17.28 16.04 2.69
N SER D 114 -16.31 15.15 2.50
CA SER D 114 -16.48 13.75 2.87
C SER D 114 -15.15 13.04 3.02
N THR D 115 -15.14 12.01 3.87
CA THR D 115 -13.95 11.19 4.04
C THR D 115 -14.29 9.89 4.74
N ASN D 116 -13.49 8.86 4.50
CA ASN D 116 -13.54 7.64 5.29
C ASN D 116 -12.25 7.44 6.08
N TYR D 117 -11.43 8.49 6.10
CA TYR D 117 -10.33 8.64 7.04
C TYR D 117 -9.11 7.81 6.67
N ASN D 118 -9.32 6.58 6.21
CA ASN D 118 -8.20 5.69 5.95
C ASN D 118 -7.92 5.42 4.45
N GLN D 119 -8.64 6.12 3.56
CA GLN D 119 -8.43 6.00 2.11
C GLN D 119 -8.56 7.32 1.36
N HIS D 120 -9.71 7.97 1.47
CA HIS D 120 -10.01 9.13 0.62
C HIS D 120 -10.63 10.28 1.41
N ALA D 121 -10.55 11.48 0.84
CA ALA D 121 -11.26 12.64 1.34
C ALA D 121 -11.48 13.65 0.22
N MET D 122 -12.56 14.43 0.32
CA MET D 122 -12.72 15.64 -0.49
C MET D 122 -12.84 16.83 0.43
N VAL D 123 -12.10 17.89 0.11
CA VAL D 123 -12.10 19.10 0.92
C VAL D 123 -12.32 20.33 0.06
N PHE D 124 -13.20 21.21 0.53
CA PHE D 124 -13.56 22.42 -0.18
C PHE D 124 -12.84 23.60 0.47
N PHE D 125 -12.25 24.46 -0.36
CA PHE D 125 -11.56 25.66 0.09
C PHE D 125 -12.13 26.87 -0.62
N LYS D 126 -12.33 27.96 0.10
CA LYS D 126 -12.74 29.22 -0.50
C LYS D 126 -11.95 30.36 0.12
N LYS D 127 -11.40 31.23 -0.71
CA LYS D 127 -10.58 32.30 -0.22
C LYS D 127 -10.84 33.57 -1.04
N VAL D 128 -10.78 34.71 -0.37
CA VAL D 128 -10.88 36.00 -1.05
C VAL D 128 -9.58 36.74 -0.90
N SER D 129 -8.98 37.08 -2.03
CA SER D 129 -7.67 37.71 -2.05
C SER D 129 -7.64 38.75 -3.14
N GLN D 130 -7.19 39.95 -2.79
CA GLN D 130 -7.31 41.10 -3.67
C GLN D 130 -8.75 41.22 -4.18
N ASN D 131 -9.72 40.96 -3.31
CA ASN D 131 -11.11 41.12 -3.65
C ASN D 131 -11.63 40.10 -4.67
N ARG D 132 -10.76 39.17 -5.08
CA ARG D 132 -11.16 38.09 -5.98
C ARG D 132 -11.48 36.80 -5.20
N GLU D 133 -12.57 36.15 -5.58
CA GLU D 133 -13.06 35.00 -4.84
C GLU D 133 -12.64 33.71 -5.53
N TYR D 134 -11.72 32.98 -4.91
CA TYR D 134 -11.24 31.71 -5.45
C TYR D 134 -11.86 30.56 -4.68
N PHE D 135 -12.14 29.47 -5.38
CA PHE D 135 -12.47 28.23 -4.69
C PHE D 135 -11.85 27.02 -5.37
N LYS D 136 -11.60 25.99 -4.57
CA LYS D 136 -11.08 24.75 -5.09
C LYS D 136 -11.59 23.58 -4.28
N ILE D 137 -11.60 22.42 -4.91
CA ILE D 137 -11.88 21.18 -4.24
C ILE D 137 -10.67 20.28 -4.42
N THR D 138 -10.24 19.68 -3.32
CA THR D 138 -9.11 18.77 -3.34
C THR D 138 -9.60 17.34 -3.11
N LEU D 139 -9.12 16.41 -3.95
CA LEU D 139 -9.33 14.99 -3.71
C LEU D 139 -8.07 14.39 -3.07
N TYR D 140 -8.21 13.93 -1.83
CA TYR D 140 -7.11 13.37 -1.04
C TYR D 140 -7.12 11.84 -1.11
N GLY D 141 -5.94 11.24 -1.27
CA GLY D 141 -5.78 9.81 -1.06
C GLY D 141 -4.75 9.52 0.02
N ARG D 142 -4.93 8.46 0.79
CA ARG D 142 -3.89 8.03 1.72
C ARG D 142 -2.75 7.40 0.92
N THR D 143 -3.07 6.89 -0.27
CA THR D 143 -2.08 6.55 -1.25
C THR D 143 -2.20 7.42 -2.51
N LYS D 144 -1.28 7.21 -3.46
CA LYS D 144 -1.17 8.07 -4.63
C LYS D 144 -2.17 7.70 -5.72
N GLU D 145 -2.87 6.59 -5.53
CA GLU D 145 -3.81 6.11 -6.54
C GLU D 145 -5.21 6.11 -5.96
N LEU D 146 -6.20 6.40 -6.80
CA LEU D 146 -7.57 6.09 -6.45
C LEU D 146 -8.31 5.56 -7.68
N THR D 147 -9.45 4.93 -7.44
CA THR D 147 -10.20 4.25 -8.48
C THR D 147 -10.80 5.26 -9.44
N SER D 148 -11.03 4.83 -10.68
CA SER D 148 -11.83 5.58 -11.64
C SER D 148 -13.14 6.05 -11.04
N GLU D 149 -13.78 5.17 -10.28
CA GLU D 149 -15.07 5.48 -9.69
C GLU D 149 -14.98 6.70 -8.77
N LEU D 150 -13.99 6.73 -7.89
CA LEU D 150 -13.81 7.86 -6.98
C LEU D 150 -13.47 9.13 -7.76
N LYS D 151 -12.67 9.00 -8.79
CA LYS D 151 -12.25 10.17 -9.56
C LYS D 151 -13.41 10.73 -10.39
N GLU D 152 -14.24 9.85 -10.93
CA GLU D 152 -15.48 10.28 -11.57
C GLU D 152 -16.46 10.95 -10.61
N ASN D 153 -16.55 10.45 -9.38
CA ASN D 153 -17.39 11.08 -8.39
C ASN D 153 -16.92 12.48 -8.09
N PHE D 154 -15.60 12.65 -8.06
CA PHE D 154 -14.98 13.93 -7.76
C PHE D 154 -15.26 14.89 -8.92
N ILE D 155 -15.19 14.39 -10.15
CA ILE D 155 -15.52 15.19 -11.30
C ILE D 155 -16.99 15.61 -11.29
N ARG D 156 -17.86 14.66 -10.96
CA ARG D 156 -19.29 14.95 -10.83
C ARG D 156 -19.54 16.06 -9.79
N PHE D 157 -18.92 15.95 -8.63
CA PHE D 157 -19.12 16.93 -7.56
C PHE D 157 -18.60 18.30 -7.99
N SER D 158 -17.43 18.31 -8.61
CA SER D 158 -16.82 19.53 -9.08
C SER D 158 -17.75 20.25 -10.05
N LYS D 159 -18.37 19.51 -10.97
CA LYS D 159 -19.34 20.09 -11.92
C LYS D 159 -20.55 20.66 -11.20
N SER D 160 -21.01 20.00 -10.14
CA SER D 160 -22.18 20.47 -9.39
C SER D 160 -21.90 21.82 -8.75
N LEU D 161 -20.62 22.19 -8.66
CA LEU D 161 -20.24 23.49 -8.15
C LEU D 161 -19.88 24.49 -9.25
N GLY D 162 -20.13 24.13 -10.51
CA GLY D 162 -20.00 25.07 -11.61
C GLY D 162 -18.73 24.92 -12.43
N LEU D 163 -17.90 23.92 -12.11
CA LEU D 163 -16.62 23.75 -12.80
C LEU D 163 -16.69 22.78 -13.96
N PRO D 164 -16.23 23.19 -15.14
CA PRO D 164 -16.09 22.29 -16.27
C PRO D 164 -14.78 21.49 -16.24
N GLU D 165 -14.62 20.57 -17.19
CA GLU D 165 -13.61 19.53 -17.11
C GLU D 165 -12.21 20.10 -17.16
N ASN D 166 -12.03 21.18 -17.91
CA ASN D 166 -10.71 21.77 -18.08
C ASN D 166 -10.28 22.60 -16.88
N HIS D 167 -11.14 22.68 -15.86
CA HIS D 167 -10.76 23.21 -14.56
C HIS D 167 -10.54 22.10 -13.53
N ILE D 168 -10.36 20.89 -14.03
CA ILE D 168 -10.10 19.74 -13.16
C ILE D 168 -8.82 19.05 -13.61
N VAL D 169 -7.87 18.86 -12.69
CA VAL D 169 -6.63 18.16 -13.01
C VAL D 169 -6.29 17.05 -12.03
N PHE D 170 -5.48 16.11 -12.50
CA PHE D 170 -5.07 14.99 -11.70
C PHE D 170 -3.55 14.95 -11.71
N PRO D 171 -2.94 15.50 -10.66
CA PRO D 171 -1.49 15.62 -10.58
C PRO D 171 -0.79 14.27 -10.73
N VAL D 172 0.33 14.29 -11.43
CA VAL D 172 1.04 13.08 -11.78
C VAL D 172 1.80 12.60 -10.56
N PRO D 173 1.65 11.32 -10.20
CA PRO D 173 2.42 10.75 -9.09
C PRO D 173 3.92 10.93 -9.29
N ILE D 174 4.62 11.25 -8.21
CA ILE D 174 6.08 11.31 -8.22
C ILE D 174 6.60 10.68 -6.93
N ASP D 175 7.91 10.51 -6.85
CA ASP D 175 8.55 9.86 -5.70
C ASP D 175 9.34 10.83 -4.83
N GLN D 176 9.79 11.93 -5.41
CA GLN D 176 10.59 12.91 -4.68
C GLN D 176 9.75 13.63 -3.62
N CYS D 177 10.32 13.76 -2.42
CA CYS D 177 9.84 14.66 -1.37
C CYS D 177 8.62 14.16 -0.62
N ILE D 178 7.67 13.57 -1.34
CA ILE D 178 6.34 13.38 -0.79
C ILE D 178 6.12 11.99 -0.20
N ASP D 179 7.09 11.09 -0.38
CA ASP D 179 7.07 9.77 0.24
C ASP D 179 7.80 9.74 1.59
N GLY D 180 8.12 10.92 2.12
CA GLY D 180 8.75 11.01 3.44
C GLY D 180 7.76 10.76 4.56
N ASP E 4 -11.91 28.23 -58.04
CA ASP E 4 -12.80 28.41 -56.85
C ASP E 4 -12.08 29.17 -55.71
N SER E 5 -11.05 28.56 -55.14
CA SER E 5 -10.73 28.82 -53.73
C SER E 5 -9.32 28.35 -53.29
N THR E 6 -8.96 28.77 -52.07
CA THR E 6 -7.82 28.24 -51.33
C THR E 6 -8.31 27.77 -49.96
N SER E 7 -7.58 26.86 -49.32
CA SER E 7 -7.84 26.50 -47.93
C SER E 7 -6.73 25.60 -47.37
N ASP E 8 -6.63 25.53 -46.04
CA ASP E 8 -5.55 24.81 -45.40
C ASP E 8 -6.12 23.84 -44.38
N LEU E 9 -5.73 22.58 -44.50
CA LEU E 9 -6.33 21.53 -43.72
C LEU E 9 -5.28 20.64 -43.07
N ILE E 10 -5.55 20.24 -41.83
CA ILE E 10 -4.76 19.20 -41.21
C ILE E 10 -4.94 17.92 -42.01
N PRO E 11 -3.83 17.24 -42.32
CA PRO E 11 -3.89 16.04 -43.17
C PRO E 11 -4.70 14.93 -42.52
N ALA E 12 -5.46 14.19 -43.32
CA ALA E 12 -6.16 13.02 -42.82
C ALA E 12 -5.11 12.03 -42.32
N PRO E 13 -5.41 11.33 -41.24
CA PRO E 13 -4.50 10.28 -40.82
C PRO E 13 -4.56 9.11 -41.81
N PRO E 14 -3.50 8.29 -41.86
CA PRO E 14 -3.64 6.99 -42.51
C PRO E 14 -4.66 6.09 -41.81
N LEU E 15 -5.37 5.29 -42.59
CA LEU E 15 -6.43 4.44 -42.05
C LEU E 15 -5.92 3.44 -41.05
N SER E 16 -4.64 3.13 -41.14
CA SER E 16 -4.02 2.19 -40.22
C SER E 16 -4.03 2.71 -38.79
N LYS E 17 -4.26 4.01 -38.60
CA LYS E 17 -4.33 4.57 -37.24
C LYS E 17 -5.74 4.64 -36.71
N VAL E 18 -6.70 4.14 -37.48
CA VAL E 18 -8.12 4.16 -37.11
C VAL E 18 -8.66 2.73 -36.91
N PRO E 19 -8.72 2.27 -35.66
CA PRO E 19 -9.26 0.93 -35.37
C PRO E 19 -10.68 0.71 -35.91
N LEU E 20 -10.99 -0.57 -36.13
CA LEU E 20 -12.35 -0.99 -36.47
C LEU E 20 -12.93 -1.83 -35.34
N GLN E 21 -14.09 -1.44 -34.84
CA GLN E 21 -14.79 -2.25 -33.84
C GLN E 21 -14.83 -3.72 -34.27
N GLN E 22 -14.31 -4.59 -33.42
CA GLN E 22 -14.37 -6.03 -33.67
C GLN E 22 -15.81 -6.52 -33.72
N ASN E 23 -16.08 -7.42 -34.65
CA ASN E 23 -17.35 -8.15 -34.70
C ASN E 23 -18.54 -7.23 -34.60
N PHE E 24 -18.59 -6.24 -35.48
CA PHE E 24 -19.62 -5.21 -35.42
C PHE E 24 -21.03 -5.81 -35.49
N GLN E 25 -21.91 -5.34 -34.61
CA GLN E 25 -23.27 -5.85 -34.52
C GLN E 25 -24.26 -4.79 -35.01
N ASP E 26 -24.67 -4.90 -36.26
CA ASP E 26 -25.43 -3.82 -36.90
C ASP E 26 -26.78 -3.59 -36.23
N ASN E 27 -27.41 -4.66 -35.75
CA ASN E 27 -28.72 -4.53 -35.13
CA ASN E 27 -28.73 -4.56 -35.12
C ASN E 27 -28.63 -3.82 -33.78
N GLN E 28 -27.59 -4.12 -33.03
CA GLN E 28 -27.39 -3.48 -31.73
C GLN E 28 -27.00 -2.01 -31.86
N PHE E 29 -26.49 -1.60 -33.01
CA PHE E 29 -25.99 -0.24 -33.19
C PHE E 29 -27.10 0.72 -33.57
N GLN E 30 -28.25 0.19 -33.93
CA GLN E 30 -29.28 1.07 -34.43
C GLN E 30 -29.97 1.86 -33.32
N GLY E 31 -30.82 2.82 -33.72
CA GLY E 31 -31.50 3.71 -32.78
C GLY E 31 -30.87 5.09 -32.74
N LYS E 32 -31.22 5.84 -31.70
CA LYS E 32 -30.82 7.22 -31.61
C LYS E 32 -29.50 7.32 -30.87
N TRP E 33 -28.60 8.14 -31.42
CA TRP E 33 -27.37 8.50 -30.74
C TRP E 33 -27.28 10.02 -30.68
N TYR E 34 -26.79 10.53 -29.56
CA TYR E 34 -26.57 11.96 -29.40
C TYR E 34 -25.13 12.26 -29.69
N VAL E 35 -24.87 13.36 -30.38
CA VAL E 35 -23.51 13.72 -30.67
C VAL E 35 -22.96 14.50 -29.49
N VAL E 36 -22.19 13.80 -28.66
CA VAL E 36 -21.70 14.32 -27.39
C VAL E 36 -20.30 14.93 -27.59
N GLY E 37 -19.60 14.47 -28.62
CA GLY E 37 -18.30 15.02 -28.98
C GLY E 37 -18.08 15.06 -30.48
N LEU E 38 -17.33 16.04 -30.95
CA LEU E 38 -17.05 16.22 -32.36
C LEU E 38 -15.62 16.67 -32.51
N ALA E 39 -14.86 16.01 -33.36
CA ALA E 39 -13.51 16.46 -33.66
C ALA E 39 -13.23 16.30 -35.15
N GLY E 40 -12.46 17.20 -35.72
CA GLY E 40 -12.06 17.04 -37.12
C GLY E 40 -11.36 18.23 -37.72
N ASN E 41 -10.86 18.07 -38.96
CA ASN E 41 -10.02 19.10 -39.54
C ASN E 41 -10.78 20.29 -40.10
N ALA E 42 -12.09 20.20 -40.10
CA ALA E 42 -12.95 21.35 -40.37
C ALA E 42 -13.85 21.74 -39.18
N ILE E 43 -13.66 21.07 -38.04
CA ILE E 43 -14.29 21.47 -36.78
C ILE E 43 -13.48 22.55 -36.06
N LEU E 44 -14.15 23.66 -35.72
CA LEU E 44 -13.48 24.77 -35.06
C LEU E 44 -14.32 25.25 -33.86
N ARG E 45 -13.73 25.17 -32.66
CA ARG E 45 -14.36 25.68 -31.44
C ARG E 45 -14.65 27.18 -31.59
N GLU E 46 -15.91 27.56 -31.45
CA GLU E 46 -16.28 28.96 -31.37
C GLU E 46 -16.78 29.30 -29.96
N ASP E 47 -15.92 29.96 -29.18
CA ASP E 47 -16.26 30.38 -27.83
C ASP E 47 -17.49 31.28 -27.82
N LYS E 48 -17.58 32.17 -28.82
CA LYS E 48 -18.66 33.15 -28.88
C LYS E 48 -20.02 32.46 -29.03
N ASP E 49 -20.11 31.51 -29.97
CA ASP E 49 -21.39 30.91 -30.31
C ASP E 49 -21.31 29.37 -30.35
N PRO E 50 -21.42 28.74 -29.17
CA PRO E 50 -21.06 27.34 -29.04
C PRO E 50 -22.00 26.43 -29.82
N GLN E 51 -21.47 25.35 -30.35
CA GLN E 51 -22.24 24.42 -31.16
C GLN E 51 -23.23 23.63 -30.29
N LYS E 52 -24.43 23.49 -30.80
CA LYS E 52 -25.48 22.78 -30.08
C LYS E 52 -25.45 21.29 -30.40
N MET E 53 -25.78 20.47 -29.40
CA MET E 53 -25.97 19.05 -29.59
C MET E 53 -27.04 18.76 -30.65
N TYR E 54 -26.78 17.76 -31.47
CA TYR E 54 -27.80 17.21 -32.33
C TYR E 54 -27.80 15.70 -32.17
N ALA E 55 -28.78 15.04 -32.80
CA ALA E 55 -28.91 13.59 -32.71
C ALA E 55 -28.86 12.96 -34.09
N THR E 56 -28.40 11.71 -34.13
CA THR E 56 -28.36 10.98 -35.38
C THR E 56 -28.94 9.59 -35.18
N ILE E 57 -29.88 9.23 -36.04
CA ILE E 57 -30.69 8.04 -35.83
C ILE E 57 -30.38 7.02 -36.91
N TYR E 58 -29.98 5.83 -36.48
CA TYR E 58 -29.62 4.76 -37.39
C TYR E 58 -30.73 3.72 -37.44
N GLU E 59 -31.31 3.53 -38.61
CA GLU E 59 -32.35 2.50 -38.77
C GLU E 59 -31.89 1.43 -39.74
N LEU E 60 -31.82 0.20 -39.25
CA LEU E 60 -31.35 -0.92 -40.05
C LEU E 60 -32.46 -1.38 -40.96
N LYS E 61 -32.23 -1.36 -42.27
CA LYS E 61 -33.25 -1.77 -43.23
C LYS E 61 -33.15 -3.27 -43.51
N GLU E 62 -34.18 -3.80 -44.16
CA GLU E 62 -34.19 -5.19 -44.59
C GLU E 62 -32.90 -5.59 -45.30
N ASP E 63 -32.39 -4.72 -46.17
CA ASP E 63 -31.22 -5.03 -46.99
C ASP E 63 -29.89 -4.75 -46.27
N LYS E 64 -29.96 -4.41 -44.99
CA LYS E 64 -28.78 -4.28 -44.12
C LYS E 64 -28.03 -2.96 -44.29
N SER E 65 -28.55 -2.08 -45.13
CA SER E 65 -28.12 -0.71 -45.13
C SER E 65 -28.84 0.05 -44.01
N TYR E 66 -28.25 1.17 -43.58
CA TYR E 66 -28.89 2.05 -42.60
C TYR E 66 -29.52 3.24 -43.32
N ASN E 67 -30.76 3.54 -42.97
CA ASN E 67 -31.25 4.91 -43.07
C ASN E 67 -30.79 5.74 -41.89
N VAL E 68 -30.11 6.83 -42.19
CA VAL E 68 -29.45 7.63 -41.16
C VAL E 68 -30.02 9.03 -41.20
N THR E 69 -30.59 9.45 -40.08
CA THR E 69 -31.26 10.74 -40.01
C THR E 69 -30.64 11.55 -38.89
N SER E 70 -30.16 12.74 -39.22
CA SER E 70 -29.66 13.66 -38.21
C SER E 70 -30.64 14.78 -38.01
N VAL E 71 -30.93 15.08 -36.75
CA VAL E 71 -31.89 16.12 -36.41
C VAL E 71 -31.18 17.25 -35.66
N LEU E 72 -31.28 18.47 -36.18
CA LEU E 72 -30.59 19.63 -35.63
C LEU E 72 -31.59 20.74 -35.30
N PHE E 73 -31.28 21.55 -34.29
CA PHE E 73 -32.05 22.76 -34.01
C PHE E 73 -31.31 23.96 -34.59
N ARG E 74 -31.85 24.53 -35.66
CA ARG E 74 -31.17 25.59 -36.39
C ARG E 74 -32.17 26.66 -36.78
N LYS E 75 -31.88 27.91 -36.41
CA LYS E 75 -32.74 29.04 -36.78
C LYS E 75 -34.17 28.79 -36.32
N LYS E 76 -34.30 28.21 -35.12
CA LYS E 76 -35.59 28.04 -34.44
C LYS E 76 -36.49 26.97 -35.06
N LYS E 77 -35.88 26.08 -35.85
CA LYS E 77 -36.62 24.99 -36.48
C LYS E 77 -35.87 23.71 -36.35
N CYS E 78 -36.58 22.60 -36.52
CA CYS E 78 -35.94 21.30 -36.63
C CYS E 78 -35.50 21.07 -38.06
N ASP E 79 -34.21 20.77 -38.22
CA ASP E 79 -33.61 20.55 -39.53
C ASP E 79 -33.17 19.10 -39.63
N TYR E 80 -33.44 18.47 -40.77
CA TYR E 80 -33.26 17.03 -40.90
C TYR E 80 -32.37 16.75 -42.10
N TRP E 81 -31.29 16.01 -41.89
CA TRP E 81 -30.55 15.40 -42.99
C TRP E 81 -30.67 13.88 -43.01
N ILE E 82 -31.28 13.35 -44.08
CA ILE E 82 -31.43 11.92 -44.28
C ILE E 82 -30.46 11.44 -45.35
N ARG E 83 -29.72 10.37 -45.05
CA ARG E 83 -28.90 9.72 -46.05
C ARG E 83 -28.80 8.23 -45.76
N THR E 84 -28.11 7.52 -46.64
CA THR E 84 -28.06 6.07 -46.59
C THR E 84 -26.62 5.63 -46.40
N PHE E 85 -26.38 4.78 -45.41
CA PHE E 85 -25.08 4.11 -45.26
C PHE E 85 -25.15 2.68 -45.78
N VAL E 86 -24.37 2.42 -46.81
CA VAL E 86 -24.30 1.08 -47.41
C VAL E 86 -23.11 0.31 -46.84
N PRO E 87 -23.34 -0.94 -46.40
CA PRO E 87 -22.24 -1.74 -45.85
C PRO E 87 -21.06 -1.85 -46.79
N GLY E 88 -19.87 -1.70 -46.25
CA GLY E 88 -18.66 -1.81 -47.04
C GLY E 88 -18.07 -3.20 -46.91
N SER E 89 -16.75 -3.27 -47.03
CA SER E 89 -16.09 -4.56 -47.19
C SER E 89 -15.88 -5.27 -45.86
N GLN E 90 -16.01 -4.53 -44.76
CA GLN E 90 -15.83 -5.09 -43.44
C GLN E 90 -16.98 -4.63 -42.59
N PRO E 91 -17.52 -5.52 -41.75
CA PRO E 91 -18.61 -5.10 -40.88
C PRO E 91 -18.20 -3.91 -40.01
N GLY E 92 -19.05 -2.88 -39.98
CA GLY E 92 -18.73 -1.65 -39.27
C GLY E 92 -18.18 -0.55 -40.17
N GLU E 93 -17.95 -0.89 -41.43
CA GLU E 93 -17.57 0.12 -42.42
C GLU E 93 -18.71 0.37 -43.35
N PHE E 94 -18.84 1.61 -43.80
CA PHE E 94 -19.92 1.96 -44.71
C PHE E 94 -19.44 3.00 -45.71
N THR E 95 -20.11 3.05 -46.85
CA THR E 95 -20.05 4.25 -47.64
C THR E 95 -21.41 4.84 -47.83
N LEU E 96 -21.40 6.01 -48.46
CA LEU E 96 -22.60 6.75 -48.67
C LEU E 96 -23.32 6.20 -49.90
N GLY E 97 -24.61 5.90 -49.77
CA GLY E 97 -25.41 5.44 -50.90
C GLY E 97 -25.75 6.55 -51.84
N ASN E 98 -25.87 6.21 -53.12
CA ASN E 98 -26.05 7.19 -54.17
C ASN E 98 -25.00 8.30 -54.09
N ILE E 99 -23.76 7.92 -53.82
CA ILE E 99 -22.68 8.87 -53.65
C ILE E 99 -22.48 9.79 -54.87
N LYS E 100 -22.84 9.30 -56.06
CA LYS E 100 -22.70 10.09 -57.27
C LYS E 100 -23.66 11.28 -57.35
N SER E 101 -24.72 11.26 -56.54
CA SER E 101 -25.74 12.29 -56.59
C SER E 101 -25.37 13.51 -55.75
N TYR E 102 -24.29 13.43 -54.99
CA TYR E 102 -23.82 14.59 -54.22
C TYR E 102 -22.73 15.30 -54.99
N PRO E 103 -23.01 16.51 -55.48
CA PRO E 103 -22.05 17.13 -56.41
C PRO E 103 -20.74 17.46 -55.71
N GLY E 104 -19.63 17.20 -56.38
CA GLY E 104 -18.30 17.48 -55.80
C GLY E 104 -17.73 16.35 -54.98
N LEU E 105 -18.57 15.38 -54.61
CA LEU E 105 -18.16 14.35 -53.65
C LEU E 105 -17.55 13.15 -54.36
N THR E 106 -16.31 12.82 -54.01
CA THR E 106 -15.53 11.84 -54.75
C THR E 106 -15.41 10.56 -53.93
N SER E 107 -15.26 10.71 -52.62
CA SER E 107 -15.23 9.55 -51.75
C SER E 107 -15.73 9.85 -50.35
N TYR E 108 -16.27 8.82 -49.71
CA TYR E 108 -16.89 8.96 -48.40
C TYR E 108 -16.74 7.63 -47.72
N LEU E 109 -16.13 7.64 -46.55
CA LEU E 109 -15.94 6.44 -45.79
C LEU E 109 -16.37 6.63 -44.34
N VAL E 110 -17.10 5.66 -43.81
CA VAL E 110 -17.50 5.62 -42.43
C VAL E 110 -16.87 4.37 -41.81
N ARG E 111 -16.24 4.55 -40.66
CA ARG E 111 -15.74 3.40 -39.90
C ARG E 111 -16.07 3.52 -38.43
N VAL E 112 -16.82 2.55 -37.92
CA VAL E 112 -17.10 2.51 -36.50
C VAL E 112 -15.88 2.04 -35.73
N VAL E 113 -15.33 2.91 -34.91
CA VAL E 113 -14.06 2.66 -34.25
C VAL E 113 -14.23 1.83 -33.00
N SER E 114 -15.18 2.20 -32.16
CA SER E 114 -15.50 1.38 -30.99
C SER E 114 -16.85 1.75 -30.42
N THR E 115 -17.51 0.77 -29.83
CA THR E 115 -18.80 0.99 -29.23
C THR E 115 -19.11 -0.14 -28.26
N ASN E 116 -19.95 0.13 -27.26
CA ASN E 116 -20.54 -0.92 -26.46
C ASN E 116 -22.04 -0.98 -26.66
N TYR E 117 -22.52 -0.23 -27.66
CA TYR E 117 -23.88 -0.36 -28.20
C TYR E 117 -24.96 0.29 -27.33
N ASN E 118 -24.86 0.16 -26.02
CA ASN E 118 -25.93 0.64 -25.15
C ASN E 118 -25.59 1.91 -24.39
N GLN E 119 -24.42 2.48 -24.69
CA GLN E 119 -23.94 3.67 -23.99
C GLN E 119 -23.20 4.63 -24.92
N HIS E 120 -22.10 4.16 -25.52
CA HIS E 120 -21.21 5.04 -26.26
C HIS E 120 -20.73 4.46 -27.58
N ALA E 121 -20.27 5.34 -28.48
CA ALA E 121 -19.61 4.94 -29.70
C ALA E 121 -18.69 6.04 -30.19
N MET E 122 -17.62 5.64 -30.88
CA MET E 122 -16.84 6.58 -31.69
C MET E 122 -16.87 6.14 -33.12
N VAL E 123 -17.11 7.09 -34.01
CA VAL E 123 -17.18 6.80 -35.43
C VAL E 123 -16.30 7.75 -36.22
N PHE E 124 -15.54 7.19 -37.15
CA PHE E 124 -14.61 7.95 -37.97
C PHE E 124 -15.23 8.15 -39.35
N PHE E 125 -15.16 9.37 -39.86
CA PHE E 125 -15.66 9.70 -41.18
C PHE E 125 -14.53 10.34 -41.99
N LYS E 126 -14.39 9.95 -43.23
CA LYS E 126 -13.45 10.60 -44.13
C LYS E 126 -14.12 10.82 -45.47
N LYS E 127 -13.94 12.01 -46.03
CA LYS E 127 -14.57 12.34 -47.28
C LYS E 127 -13.62 13.18 -48.11
N VAL E 128 -13.67 12.98 -49.42
CA VAL E 128 -12.94 13.82 -50.34
C VAL E 128 -13.93 14.59 -51.20
N SER E 129 -13.81 15.90 -51.18
CA SER E 129 -14.75 16.76 -51.88
C SER E 129 -13.94 17.90 -52.50
N GLN E 130 -14.13 18.11 -53.80
CA GLN E 130 -13.27 19.05 -54.55
C GLN E 130 -11.79 18.77 -54.31
N ASN E 131 -11.45 17.49 -54.23
CA ASN E 131 -10.07 17.07 -54.02
C ASN E 131 -9.49 17.38 -52.63
N ARG E 132 -10.31 17.97 -51.76
CA ARG E 132 -9.89 18.25 -50.40
C ARG E 132 -10.34 17.13 -49.47
N GLU E 133 -9.44 16.74 -48.58
CA GLU E 133 -9.67 15.58 -47.78
C GLU E 133 -10.08 15.98 -46.36
N TYR E 134 -11.35 15.76 -46.02
CA TYR E 134 -11.88 16.09 -44.70
C TYR E 134 -11.98 14.83 -43.86
N PHE E 135 -11.75 14.97 -42.57
CA PHE E 135 -12.08 13.89 -41.64
C PHE E 135 -12.64 14.39 -40.32
N LYS E 136 -13.46 13.57 -39.69
CA LYS E 136 -13.98 13.88 -38.38
C LYS E 136 -14.19 12.60 -37.59
N ILE E 137 -14.17 12.75 -36.27
CA ILE E 137 -14.54 11.70 -35.36
C ILE E 137 -15.71 12.19 -34.51
N THR E 138 -16.74 11.35 -34.41
CA THR E 138 -17.92 11.66 -33.62
C THR E 138 -17.96 10.78 -32.38
N LEU E 139 -18.23 11.39 -31.23
CA LEU E 139 -18.49 10.65 -30.01
C LEU E 139 -19.99 10.60 -29.74
N TYR E 140 -20.54 9.39 -29.80
CA TYR E 140 -21.99 9.17 -29.65
C TYR E 140 -22.31 8.72 -28.22
N GLY E 141 -23.37 9.28 -27.66
CA GLY E 141 -23.98 8.72 -26.43
C GLY E 141 -25.42 8.33 -26.64
N ARG E 142 -25.87 7.29 -25.94
CA ARG E 142 -27.29 6.94 -25.93
C ARG E 142 -28.08 7.95 -25.14
N THR E 143 -27.42 8.61 -24.19
CA THR E 143 -27.96 9.81 -23.56
C THR E 143 -27.08 11.01 -23.88
N LYS E 144 -27.47 12.17 -23.38
CA LYS E 144 -26.79 13.42 -23.71
C LYS E 144 -25.49 13.61 -22.91
N GLU E 145 -25.21 12.71 -21.98
CA GLU E 145 -24.03 12.84 -21.11
C GLU E 145 -23.14 11.61 -21.24
N LEU E 146 -21.84 11.80 -21.06
CA LEU E 146 -20.93 10.67 -20.86
C LEU E 146 -19.88 11.01 -19.80
N THR E 147 -19.18 9.98 -19.33
CA THR E 147 -18.20 10.12 -18.28
C THR E 147 -16.98 10.89 -18.79
N SER E 148 -16.29 11.55 -17.86
CA SER E 148 -14.98 12.12 -18.13
C SER E 148 -14.06 11.12 -18.82
N GLU E 149 -14.09 9.90 -18.35
CA GLU E 149 -13.18 8.88 -18.85
C GLU E 149 -13.38 8.63 -20.35
N LEU E 150 -14.63 8.51 -20.76
CA LEU E 150 -14.94 8.32 -22.17
C LEU E 150 -14.59 9.55 -23.01
N LYS E 151 -14.83 10.73 -22.45
CA LYS E 151 -14.53 11.95 -23.17
C LYS E 151 -13.04 12.16 -23.32
N GLU E 152 -12.28 11.79 -22.29
CA GLU E 152 -10.84 11.85 -22.36
C GLU E 152 -10.30 10.87 -23.38
N ASN E 153 -10.88 9.67 -23.43
CA ASN E 153 -10.43 8.68 -24.41
C ASN E 153 -10.61 9.25 -25.80
N PHE E 154 -11.71 9.97 -26.00
CA PHE E 154 -12.04 10.58 -27.28
C PHE E 154 -11.06 11.70 -27.64
N ILE E 155 -10.71 12.53 -26.66
CA ILE E 155 -9.71 13.56 -26.85
C ILE E 155 -8.35 12.94 -27.17
N ARG E 156 -8.00 11.89 -26.44
CA ARG E 156 -6.74 11.19 -26.66
C ARG E 156 -6.68 10.67 -28.07
N PHE E 157 -7.74 10.02 -28.50
CA PHE E 157 -7.80 9.43 -29.84
C PHE E 157 -7.74 10.51 -30.92
N SER E 158 -8.49 11.59 -30.72
CA SER E 158 -8.51 12.70 -31.66
C SER E 158 -7.12 13.29 -31.85
N LYS E 159 -6.40 13.45 -30.75
CA LYS E 159 -5.02 13.95 -30.82
C LYS E 159 -4.11 12.99 -31.56
N SER E 160 -4.32 11.69 -31.37
CA SER E 160 -3.46 10.69 -32.00
C SER E 160 -3.62 10.77 -33.52
N LEU E 161 -4.70 11.40 -33.98
CA LEU E 161 -4.96 11.53 -35.41
C LEU E 161 -4.53 12.89 -35.91
N GLY E 162 -3.90 13.69 -35.06
CA GLY E 162 -3.28 14.95 -35.46
C GLY E 162 -4.06 16.21 -35.10
N LEU E 163 -5.18 16.05 -34.39
CA LEU E 163 -6.06 17.18 -34.09
C LEU E 163 -5.71 17.81 -32.75
N PRO E 164 -5.55 19.14 -32.72
CA PRO E 164 -5.36 19.86 -31.46
C PRO E 164 -6.69 20.22 -30.82
N GLU E 165 -6.62 20.78 -29.61
CA GLU E 165 -7.77 20.81 -28.72
C GLU E 165 -8.87 21.71 -29.29
N ASN E 166 -8.47 22.75 -30.02
CA ASN E 166 -9.42 23.70 -30.58
C ASN E 166 -10.11 23.19 -31.85
N HIS E 167 -9.75 21.97 -32.26
CA HIS E 167 -10.52 21.25 -33.26
C HIS E 167 -11.35 20.13 -32.63
N ILE E 168 -11.56 20.22 -31.31
CA ILE E 168 -12.39 19.27 -30.57
C ILE E 168 -13.45 20.00 -29.76
N VAL E 169 -14.70 19.64 -29.97
CA VAL E 169 -15.79 20.35 -29.38
C VAL E 169 -16.74 19.38 -28.71
N PHE E 170 -17.38 19.85 -27.64
CA PHE E 170 -18.39 19.11 -26.97
C PHE E 170 -19.67 19.90 -27.00
N PRO E 171 -20.54 19.58 -27.97
CA PRO E 171 -21.79 20.29 -28.15
C PRO E 171 -22.64 20.36 -26.87
N VAL E 172 -23.26 21.51 -26.67
CA VAL E 172 -24.03 21.77 -25.49
C VAL E 172 -25.39 21.07 -25.60
N PRO E 173 -25.76 20.28 -24.57
CA PRO E 173 -27.08 19.65 -24.55
C PRO E 173 -28.21 20.66 -24.72
N ILE E 174 -29.23 20.27 -25.49
CA ILE E 174 -30.45 21.07 -25.65
C ILE E 174 -31.65 20.13 -25.66
N ASP E 175 -32.85 20.71 -25.61
CA ASP E 175 -34.09 19.93 -25.52
C ASP E 175 -34.91 19.97 -26.80
N GLN E 176 -34.73 21.03 -27.59
CA GLN E 176 -35.51 21.20 -28.81
C GLN E 176 -35.12 20.16 -29.87
N CYS E 177 -36.13 19.57 -30.51
CA CYS E 177 -35.99 18.77 -31.73
C CYS E 177 -35.41 17.37 -31.50
N ILE E 178 -34.41 17.25 -30.62
CA ILE E 178 -33.59 16.03 -30.58
C ILE E 178 -34.09 14.95 -29.63
N ASP E 179 -35.27 15.16 -29.04
CA ASP E 179 -35.77 14.27 -28.00
C ASP E 179 -37.04 13.52 -28.41
N SER F 5 -53.64 -1.95 36.17
CA SER F 5 -53.17 -2.28 34.78
C SER F 5 -53.47 -3.74 34.37
N THR F 6 -53.92 -3.91 33.13
CA THR F 6 -53.80 -5.18 32.41
C THR F 6 -53.18 -4.91 31.04
N SER F 7 -52.55 -5.92 30.46
CA SER F 7 -52.07 -5.84 29.08
C SER F 7 -51.59 -7.21 28.60
N ASP F 8 -51.49 -7.37 27.29
CA ASP F 8 -51.11 -8.65 26.69
C ASP F 8 -49.99 -8.45 25.70
N LEU F 9 -48.91 -9.22 25.85
CA LEU F 9 -47.70 -8.99 25.10
C LEU F 9 -47.18 -10.28 24.49
N ILE F 10 -46.72 -10.19 23.26
CA ILE F 10 -45.99 -11.28 22.65
C ILE F 10 -44.72 -11.50 23.46
N PRO F 11 -44.43 -12.77 23.81
CA PRO F 11 -43.30 -13.08 24.65
C PRO F 11 -41.99 -12.66 24.00
N ALA F 12 -41.06 -12.16 24.80
CA ALA F 12 -39.71 -11.92 24.31
C ALA F 12 -39.11 -13.23 23.83
N PRO F 13 -38.33 -13.18 22.74
CA PRO F 13 -37.61 -14.38 22.35
C PRO F 13 -36.49 -14.68 23.34
N PRO F 14 -36.09 -15.94 23.46
CA PRO F 14 -34.81 -16.23 24.12
C PRO F 14 -33.61 -15.56 23.42
N LEU F 15 -32.64 -15.12 24.20
CA LEU F 15 -31.49 -14.41 23.66
C LEU F 15 -30.68 -15.23 22.68
N SER F 16 -30.80 -16.54 22.80
CA SER F 16 -30.09 -17.44 21.91
C SER F 16 -30.57 -17.30 20.46
N LYS F 17 -31.71 -16.66 20.25
CA LYS F 17 -32.21 -16.45 18.89
C LYS F 17 -31.82 -15.08 18.31
N VAL F 18 -31.05 -14.31 19.08
CA VAL F 18 -30.64 -12.97 18.67
C VAL F 18 -29.13 -12.90 18.46
N PRO F 19 -28.68 -12.97 17.21
CA PRO F 19 -27.24 -12.94 16.93
C PRO F 19 -26.57 -11.66 17.43
N LEU F 20 -25.27 -11.77 17.66
CA LEU F 20 -24.43 -10.63 17.99
C LEU F 20 -23.46 -10.38 16.85
N GLN F 21 -23.44 -9.15 16.34
CA GLN F 21 -22.44 -8.77 15.34
C GLN F 21 -21.05 -9.22 15.77
N GLN F 22 -20.40 -10.02 14.93
CA GLN F 22 -19.03 -10.46 15.19
C GLN F 22 -18.08 -9.26 15.24
N ASN F 23 -17.17 -9.28 16.21
CA ASN F 23 -16.07 -8.31 16.24
C ASN F 23 -16.57 -6.88 16.09
N PHE F 24 -17.49 -6.48 16.96
CA PHE F 24 -18.09 -5.17 16.87
C PHE F 24 -17.05 -4.05 16.93
N GLN F 25 -17.19 -3.08 16.04
CA GLN F 25 -16.25 -1.95 15.97
C GLN F 25 -16.94 -0.66 16.44
N ASP F 26 -16.72 -0.30 17.71
CA ASP F 26 -17.49 0.78 18.33
C ASP F 26 -17.26 2.12 17.65
N ASN F 27 -16.06 2.36 17.16
CA ASN F 27 -15.74 3.62 16.52
C ASN F 27 -16.45 3.77 15.19
N GLN F 28 -16.50 2.69 14.42
CA GLN F 28 -17.14 2.72 13.11
C GLN F 28 -18.66 2.82 13.24
N PHE F 29 -19.22 2.48 14.40
CA PHE F 29 -20.68 2.47 14.58
C PHE F 29 -21.22 3.84 14.92
N GLN F 30 -20.36 4.76 15.28
CA GLN F 30 -20.86 6.02 15.76
C GLN F 30 -21.38 6.93 14.64
N GLY F 31 -22.02 8.04 15.02
CA GLY F 31 -22.64 8.95 14.08
C GLY F 31 -24.15 8.80 14.03
N LYS F 32 -24.76 9.36 12.99
CA LYS F 32 -26.20 9.43 12.90
C LYS F 32 -26.72 8.18 12.19
N TRP F 33 -27.78 7.60 12.74
CA TRP F 33 -28.53 6.55 12.06
C TRP F 33 -29.99 6.97 12.01
N TYR F 34 -30.64 6.67 10.88
CA TYR F 34 -32.07 6.91 10.73
C TYR F 34 -32.82 5.65 11.03
N VAL F 35 -33.94 5.77 11.74
CA VAL F 35 -34.72 4.58 12.02
C VAL F 35 -35.63 4.31 10.86
N VAL F 36 -35.23 3.35 10.03
CA VAL F 36 -35.89 3.05 8.77
C VAL F 36 -36.90 1.93 8.96
N GLY F 37 -36.67 1.08 9.97
CA GLY F 37 -37.62 0.05 10.34
C GLY F 37 -37.72 -0.17 11.85
N LEU F 38 -38.90 -0.53 12.31
CA LEU F 38 -39.17 -0.70 13.74
C LEU F 38 -40.07 -1.91 13.89
N ALA F 39 -39.69 -2.84 14.76
CA ALA F 39 -40.55 -3.98 15.05
C ALA F 39 -40.48 -4.29 16.53
N GLY F 40 -41.59 -4.71 17.11
CA GLY F 40 -41.57 -5.12 18.51
C GLY F 40 -42.93 -5.36 19.10
N ASN F 41 -42.95 -5.87 20.33
CA ASN F 41 -44.19 -6.36 20.91
C ASN F 41 -45.10 -5.25 21.43
N ALA F 42 -44.58 -4.02 21.42
CA ALA F 42 -45.42 -2.84 21.68
C ALA F 42 -45.47 -1.89 20.49
N ILE F 43 -44.89 -2.29 19.35
CA ILE F 43 -45.06 -1.59 18.09
C ILE F 43 -46.33 -2.03 17.38
N LEU F 44 -47.16 -1.07 17.02
CA LEU F 44 -48.43 -1.37 16.37
C LEU F 44 -48.62 -0.45 15.14
N ARG F 45 -48.76 -1.06 13.97
CA ARG F 45 -49.05 -0.33 12.74
C ARG F 45 -50.35 0.46 12.88
N GLU F 46 -50.28 1.77 12.71
CA GLU F 46 -51.47 2.61 12.64
C GLU F 46 -51.62 3.20 11.23
N ASP F 47 -52.53 2.62 10.45
CA ASP F 47 -52.85 3.11 9.10
C ASP F 47 -53.29 4.58 9.13
N LYS F 48 -54.10 4.95 10.11
CA LYS F 48 -54.67 6.29 10.20
C LYS F 48 -53.60 7.36 10.44
N ASP F 49 -52.68 7.09 11.37
CA ASP F 49 -51.67 8.07 11.77
C ASP F 49 -50.24 7.48 11.78
N PRO F 50 -49.61 7.43 10.61
CA PRO F 50 -48.39 6.65 10.44
C PRO F 50 -47.23 7.25 11.22
N GLN F 51 -46.36 6.40 11.73
CA GLN F 51 -45.25 6.86 12.54
C GLN F 51 -44.19 7.52 11.66
N LYS F 52 -43.66 8.64 12.16
CA LYS F 52 -42.66 9.39 11.44
C LYS F 52 -41.26 8.88 11.75
N MET F 53 -40.39 8.90 10.75
CA MET F 53 -38.98 8.64 10.95
C MET F 53 -38.36 9.58 11.98
N TYR F 54 -37.49 9.02 12.80
CA TYR F 54 -36.63 9.80 13.66
C TYR F 54 -35.20 9.32 13.51
N ALA F 55 -34.26 10.03 14.12
CA ALA F 55 -32.86 9.69 14.03
C ALA F 55 -32.26 9.44 15.40
N THR F 56 -31.23 8.61 15.44
CA THR F 56 -30.53 8.35 16.68
C THR F 56 -29.03 8.45 16.48
N ILE F 57 -28.38 9.23 17.34
CA ILE F 57 -26.99 9.61 17.13
C ILE F 57 -26.11 9.05 18.21
N TYR F 58 -25.12 8.27 17.79
CA TYR F 58 -24.22 7.58 18.71
C TYR F 58 -22.87 8.29 18.76
N GLU F 59 -22.49 8.77 19.94
CA GLU F 59 -21.20 9.43 20.08
C GLU F 59 -20.34 8.67 21.06
N LEU F 60 -19.20 8.18 20.58
CA LEU F 60 -18.31 7.37 21.39
C LEU F 60 -17.50 8.28 22.30
N LYS F 61 -17.60 8.07 23.60
CA LYS F 61 -16.87 8.89 24.56
C LYS F 61 -15.49 8.31 24.86
N GLU F 62 -14.65 9.11 25.51
CA GLU F 62 -13.34 8.67 25.95
C GLU F 62 -13.40 7.31 26.66
N ASP F 63 -14.39 7.13 27.54
CA ASP F 63 -14.49 5.92 28.36
C ASP F 63 -15.19 4.76 27.64
N LYS F 64 -15.48 4.94 26.36
CA LYS F 64 -15.99 3.86 25.49
C LYS F 64 -17.47 3.61 25.64
N SER F 65 -18.13 4.39 26.48
CA SER F 65 -19.59 4.43 26.47
C SER F 65 -20.05 5.32 25.34
N TYR F 66 -21.30 5.14 24.92
CA TYR F 66 -21.91 6.04 23.96
C TYR F 66 -22.80 7.05 24.68
N ASN F 67 -22.69 8.31 24.29
CA ASN F 67 -23.83 9.21 24.34
CA ASN F 67 -23.81 9.23 24.34
C ASN F 67 -24.76 8.97 23.18
N VAL F 68 -26.03 8.70 23.49
CA VAL F 68 -27.01 8.36 22.47
C VAL F 68 -28.15 9.37 22.50
N THR F 69 -28.36 10.05 21.38
CA THR F 69 -29.37 11.09 21.29
C THR F 69 -30.34 10.77 20.18
N SER F 70 -31.63 10.69 20.53
CA SER F 70 -32.65 10.49 19.52
C SER F 70 -33.41 11.78 19.31
N VAL F 71 -33.61 12.14 18.05
CA VAL F 71 -34.29 13.36 17.69
C VAL F 71 -35.59 13.04 16.96
N LEU F 72 -36.71 13.55 17.49
CA LEU F 72 -38.03 13.26 16.94
C LEU F 72 -38.75 14.55 16.62
N PHE F 73 -39.61 14.52 15.59
CA PHE F 73 -40.51 15.63 15.30
C PHE F 73 -41.90 15.32 15.87
N ARG F 74 -42.28 16.01 16.93
CA ARG F 74 -43.48 15.71 17.67
C ARG F 74 -44.17 17.02 18.02
N LYS F 75 -45.45 17.16 17.66
CA LYS F 75 -46.24 18.34 18.04
C LYS F 75 -45.56 19.62 17.57
N LYS F 76 -44.97 19.55 16.38
CA LYS F 76 -44.38 20.72 15.72
C LYS F 76 -43.07 21.20 16.36
N LYS F 77 -42.44 20.34 17.15
CA LYS F 77 -41.18 20.67 17.79
C LYS F 77 -40.19 19.54 17.67
N CYS F 78 -38.91 19.86 17.83
CA CYS F 78 -37.87 18.83 17.91
C CYS F 78 -37.79 18.35 19.35
N ASP F 79 -37.93 17.04 19.51
CA ASP F 79 -37.96 16.40 20.81
C ASP F 79 -36.71 15.50 20.94
N TYR F 80 -36.04 15.58 22.07
CA TYR F 80 -34.72 14.99 22.21
C TYR F 80 -34.74 14.06 23.41
N TRP F 81 -34.35 12.81 23.20
CA TRP F 81 -34.01 11.93 24.31
C TRP F 81 -32.54 11.57 24.31
N ILE F 82 -31.86 11.99 25.37
CA ILE F 82 -30.44 11.69 25.55
C ILE F 82 -30.28 10.63 26.62
N ARG F 83 -29.51 9.59 26.33
CA ARG F 83 -29.15 8.61 27.35
C ARG F 83 -27.77 8.02 27.08
N THR F 84 -27.33 7.16 27.98
CA THR F 84 -25.98 6.64 27.93
C THR F 84 -26.04 5.13 27.75
N PHE F 85 -25.33 4.62 26.77
CA PHE F 85 -25.12 3.18 26.62
C PHE F 85 -23.76 2.77 27.15
N VAL F 86 -23.76 1.94 28.19
CA VAL F 86 -22.52 1.44 28.80
C VAL F 86 -22.19 0.04 28.26
N PRO F 87 -20.93 -0.17 27.87
CA PRO F 87 -20.53 -1.46 27.31
C PRO F 87 -20.83 -2.59 28.26
N GLY F 88 -21.38 -3.68 27.73
CA GLY F 88 -21.65 -4.85 28.54
C GLY F 88 -20.55 -5.89 28.47
N SER F 89 -20.91 -7.15 28.58
CA SER F 89 -19.91 -8.19 28.75
C SER F 89 -19.30 -8.65 27.42
N GLN F 90 -19.93 -8.28 26.30
CA GLN F 90 -19.43 -8.63 24.98
C GLN F 90 -19.50 -7.40 24.13
N PRO F 91 -18.48 -7.17 23.29
CA PRO F 91 -18.54 -6.02 22.41
C PRO F 91 -19.82 -6.04 21.55
N GLY F 92 -20.49 -4.90 21.50
CA GLY F 92 -21.75 -4.80 20.76
C GLY F 92 -22.97 -4.97 21.65
N GLU F 93 -22.73 -5.28 22.92
CA GLU F 93 -23.80 -5.31 23.91
C GLU F 93 -23.66 -4.14 24.86
N PHE F 94 -24.80 -3.59 25.29
CA PHE F 94 -24.79 -2.44 26.18
C PHE F 94 -25.91 -2.54 27.17
N THR F 95 -25.75 -1.87 28.30
CA THR F 95 -26.91 -1.51 29.09
C THR F 95 -27.03 -0.02 29.26
N LEU F 96 -28.13 0.36 29.85
CA LEU F 96 -28.44 1.74 30.05
C LEU F 96 -27.70 2.27 31.29
N GLY F 97 -26.99 3.38 31.13
CA GLY F 97 -26.30 4.00 32.25
C GLY F 97 -27.23 4.75 33.17
N ASN F 98 -26.87 4.77 34.45
CA ASN F 98 -27.75 5.30 35.48
CA ASN F 98 -27.74 5.30 35.49
C ASN F 98 -29.14 4.67 35.41
N ILE F 99 -29.18 3.36 35.18
CA ILE F 99 -30.44 2.64 35.05
C ILE F 99 -31.35 2.80 36.27
N LYS F 100 -30.74 3.01 37.44
CA LYS F 100 -31.49 3.14 38.68
C LYS F 100 -32.32 4.43 38.74
N SER F 101 -32.00 5.39 37.88
CA SER F 101 -32.67 6.69 37.90
C SER F 101 -33.97 6.68 37.09
N TYR F 102 -34.23 5.60 36.36
CA TYR F 102 -35.49 5.51 35.60
C TYR F 102 -36.53 4.71 36.39
N PRO F 103 -37.60 5.37 36.86
CA PRO F 103 -38.54 4.68 37.74
C PRO F 103 -39.27 3.54 37.03
N GLY F 104 -39.43 2.41 37.71
CA GLY F 104 -40.13 1.27 37.15
C GLY F 104 -39.25 0.35 36.33
N LEU F 105 -38.06 0.81 35.96
CA LEU F 105 -37.21 0.09 35.03
C LEU F 105 -36.31 -0.86 35.78
N THR F 106 -36.39 -2.15 35.49
CA THR F 106 -35.58 -3.10 36.24
C THR F 106 -34.45 -3.63 35.39
N SER F 107 -34.65 -3.77 34.09
CA SER F 107 -33.57 -4.20 33.22
C SER F 107 -33.67 -3.67 31.82
N TYR F 108 -32.51 -3.51 31.20
CA TYR F 108 -32.42 -2.92 29.87
C TYR F 108 -31.20 -3.54 29.21
N LEU F 109 -31.40 -4.13 28.05
CA LEU F 109 -30.32 -4.69 27.28
C LEU F 109 -30.37 -4.24 25.81
N VAL F 110 -29.19 -3.90 25.30
CA VAL F 110 -29.02 -3.57 23.88
C VAL F 110 -28.05 -4.58 23.28
N ARG F 111 -28.41 -5.12 22.13
CA ARG F 111 -27.49 -5.98 21.40
C ARG F 111 -27.50 -5.64 19.91
N VAL F 112 -26.34 -5.26 19.40
CA VAL F 112 -26.20 -5.02 17.96
C VAL F 112 -26.17 -6.36 17.24
N VAL F 113 -27.17 -6.60 16.41
CA VAL F 113 -27.35 -7.88 15.75
C VAL F 113 -26.47 -7.97 14.50
N SER F 114 -26.50 -6.96 13.65
CA SER F 114 -25.63 -6.94 12.48
C SER F 114 -25.54 -5.58 11.89
N THR F 115 -24.39 -5.28 11.29
CA THR F 115 -24.17 -3.99 10.66
C THR F 115 -23.01 -4.08 9.71
N ASN F 116 -23.00 -3.20 8.71
CA ASN F 116 -21.82 -2.98 7.89
C ASN F 116 -21.29 -1.55 8.09
N TYR F 117 -21.85 -0.86 9.08
CA TYR F 117 -21.27 0.39 9.59
C TYR F 117 -21.51 1.62 8.72
N ASN F 118 -21.41 1.46 7.40
CA ASN F 118 -21.54 2.63 6.52
C ASN F 118 -22.86 2.70 5.76
N GLN F 119 -23.77 1.78 6.06
CA GLN F 119 -25.04 1.69 5.36
C GLN F 119 -26.19 1.32 6.30
N HIS F 120 -26.10 0.14 6.91
CA HIS F 120 -27.23 -0.43 7.65
C HIS F 120 -26.84 -1.04 9.00
N ALA F 121 -27.83 -1.18 9.89
CA ALA F 121 -27.65 -1.92 11.12
C ALA F 121 -29.00 -2.42 11.64
N MET F 122 -28.98 -3.56 12.31
CA MET F 122 -30.11 -4.01 13.11
C MET F 122 -29.68 -4.11 14.55
N VAL F 123 -30.52 -3.59 15.44
CA VAL F 123 -30.22 -3.60 16.86
C VAL F 123 -31.42 -4.11 17.64
N PHE F 124 -31.15 -4.99 18.61
CA PHE F 124 -32.17 -5.61 19.43
C PHE F 124 -32.15 -4.93 20.80
N PHE F 125 -33.34 -4.63 21.30
CA PHE F 125 -33.49 -4.02 22.61
C PHE F 125 -34.47 -4.85 23.41
N LYS F 126 -34.15 -5.08 24.69
CA LYS F 126 -35.08 -5.74 25.60
C LYS F 126 -35.08 -5.01 26.92
N LYS F 127 -36.27 -4.78 27.45
CA LYS F 127 -36.37 -4.07 28.71
C LYS F 127 -37.49 -4.67 29.53
N VAL F 128 -37.31 -4.67 30.86
CA VAL F 128 -38.35 -5.07 31.76
C VAL F 128 -38.77 -3.89 32.61
N SER F 129 -40.05 -3.58 32.55
CA SER F 129 -40.57 -2.40 33.21
C SER F 129 -41.91 -2.77 33.80
N GLN F 130 -42.08 -2.50 35.10
CA GLN F 130 -43.25 -2.98 35.83
C GLN F 130 -43.48 -4.49 35.62
N ASN F 131 -42.38 -5.22 35.56
CA ASN F 131 -42.43 -6.68 35.39
C ASN F 131 -42.89 -7.13 34.01
N ARG F 132 -43.16 -6.18 33.13
CA ARG F 132 -43.54 -6.51 31.76
C ARG F 132 -42.32 -6.46 30.85
N GLU F 133 -42.23 -7.46 29.98
CA GLU F 133 -41.04 -7.63 29.18
C GLU F 133 -41.27 -7.13 27.75
N TYR F 134 -40.63 -6.02 27.40
CA TYR F 134 -40.78 -5.42 26.07
C TYR F 134 -39.56 -5.76 25.26
N PHE F 135 -39.74 -5.99 23.95
CA PHE F 135 -38.60 -6.04 23.05
C PHE F 135 -38.88 -5.39 21.72
N LYS F 136 -37.82 -4.88 21.09
CA LYS F 136 -37.95 -4.31 19.76
C LYS F 136 -36.69 -4.53 18.98
N ILE F 137 -36.83 -4.51 17.66
CA ILE F 137 -35.72 -4.51 16.76
C ILE F 137 -35.79 -3.25 15.91
N THR F 138 -34.66 -2.57 15.80
CA THR F 138 -34.56 -1.35 15.01
C THR F 138 -33.72 -1.62 13.77
N LEU F 139 -34.22 -1.19 12.61
CA LEU F 139 -33.44 -1.19 11.38
C LEU F 139 -32.91 0.23 11.10
N TYR F 140 -31.60 0.37 11.16
CA TYR F 140 -30.93 1.66 11.01
C TYR F 140 -30.41 1.81 9.57
N GLY F 141 -30.59 2.99 8.99
CA GLY F 141 -29.85 3.37 7.79
C GLY F 141 -29.00 4.60 8.00
N ARG F 142 -27.89 4.69 7.28
CA ARG F 142 -27.10 5.92 7.28
C ARG F 142 -27.81 7.00 6.49
N THR F 143 -28.65 6.58 5.56
CA THR F 143 -29.60 7.47 4.91
C THR F 143 -31.03 7.04 5.25
N LYS F 144 -32.01 7.79 4.76
CA LYS F 144 -33.41 7.56 5.07
C LYS F 144 -34.02 6.41 4.27
N GLU F 145 -33.27 5.85 3.33
CA GLU F 145 -33.77 4.77 2.49
C GLU F 145 -32.91 3.52 2.64
N LEU F 146 -33.52 2.35 2.48
CA LEU F 146 -32.75 1.12 2.26
C LEU F 146 -33.41 0.24 1.21
N THR F 147 -32.67 -0.76 0.74
CA THR F 147 -33.13 -1.64 -0.30
C THR F 147 -34.23 -2.56 0.19
N SER F 148 -35.08 -2.98 -0.74
CA SER F 148 -36.07 -4.00 -0.48
C SER F 148 -35.43 -5.20 0.20
N GLU F 149 -34.25 -5.56 -0.27
CA GLU F 149 -33.58 -6.77 0.20
C GLU F 149 -33.30 -6.67 1.68
N LEU F 150 -32.76 -5.54 2.11
CA LEU F 150 -32.47 -5.32 3.52
C LEU F 150 -33.75 -5.26 4.37
N LYS F 151 -34.80 -4.64 3.85
CA LYS F 151 -36.03 -4.53 4.58
C LYS F 151 -36.71 -5.88 4.71
N GLU F 152 -36.62 -6.70 3.68
CA GLU F 152 -37.15 -8.06 3.74
C GLU F 152 -36.39 -8.90 4.74
N ASN F 153 -35.08 -8.73 4.80
CA ASN F 153 -34.28 -9.46 5.76
CA ASN F 153 -34.25 -9.44 5.75
C ASN F 153 -34.68 -9.09 7.19
N PHE F 154 -35.01 -7.81 7.39
CA PHE F 154 -35.47 -7.30 8.67
C PHE F 154 -36.84 -7.87 9.05
N ILE F 155 -37.74 -7.94 8.08
CA ILE F 155 -39.04 -8.57 8.30
C ILE F 155 -38.87 -10.06 8.63
N ARG F 156 -38.00 -10.73 7.90
CA ARG F 156 -37.74 -12.16 8.13
C ARG F 156 -37.26 -12.38 9.56
N PHE F 157 -36.30 -11.57 9.99
CA PHE F 157 -35.72 -11.70 11.31
C PHE F 157 -36.75 -11.39 12.38
N SER F 158 -37.54 -10.35 12.17
CA SER F 158 -38.58 -9.97 13.13
C SER F 158 -39.59 -11.09 13.33
N LYS F 159 -39.98 -11.75 12.24
CA LYS F 159 -40.87 -12.90 12.33
C LYS F 159 -40.26 -14.07 13.07
N SER F 160 -38.95 -14.28 12.89
CA SER F 160 -38.27 -15.38 13.56
C SER F 160 -38.31 -15.20 15.07
N LEU F 161 -38.56 -13.96 15.52
CA LEU F 161 -38.61 -13.66 16.94
C LEU F 161 -40.07 -13.62 17.44
N GLY F 162 -41.01 -14.01 16.59
CA GLY F 162 -42.40 -14.16 17.00
C GLY F 162 -43.33 -12.99 16.62
N LEU F 163 -42.80 -12.00 15.90
CA LEU F 163 -43.58 -10.82 15.55
C LEU F 163 -44.28 -10.96 14.19
N PRO F 164 -45.60 -10.74 14.16
CA PRO F 164 -46.32 -10.69 12.89
C PRO F 164 -46.21 -9.33 12.21
N GLU F 165 -46.74 -9.23 11.00
CA GLU F 165 -46.44 -8.11 10.11
C GLU F 165 -46.99 -6.79 10.66
N ASN F 166 -48.10 -6.84 11.37
CA ASN F 166 -48.71 -5.63 11.92
C ASN F 166 -48.00 -5.12 13.18
N HIS F 167 -46.95 -5.83 13.61
CA HIS F 167 -46.03 -5.31 14.63
C HIS F 167 -44.71 -4.85 14.01
N ILE F 168 -44.72 -4.63 12.70
CA ILE F 168 -43.56 -4.15 11.96
C ILE F 168 -43.96 -2.91 11.18
N VAL F 169 -43.25 -1.81 11.40
CA VAL F 169 -43.53 -0.59 10.68
C VAL F 169 -42.29 0.01 10.04
N PHE F 170 -42.53 0.78 9.00
CA PHE F 170 -41.47 1.48 8.32
C PHE F 170 -41.80 2.96 8.35
N PRO F 171 -41.18 3.70 9.29
CA PRO F 171 -41.49 5.10 9.52
C PRO F 171 -41.28 5.92 8.27
N VAL F 172 -42.17 6.88 8.05
CA VAL F 172 -42.19 7.68 6.85
C VAL F 172 -41.08 8.73 6.95
N PRO F 173 -40.23 8.84 5.92
CA PRO F 173 -39.20 9.87 5.89
C PRO F 173 -39.77 11.27 6.04
N ILE F 174 -39.07 12.11 6.81
CA ILE F 174 -39.43 13.52 6.97
C ILE F 174 -38.16 14.35 6.97
N ASP F 175 -38.33 15.67 6.88
CA ASP F 175 -37.18 16.59 6.80
C ASP F 175 -36.97 17.38 8.09
N GLN F 176 -38.02 17.56 8.88
CA GLN F 176 -37.95 18.36 10.09
C GLN F 176 -37.10 17.67 11.16
N CYS F 177 -36.21 18.44 11.79
CA CYS F 177 -35.48 18.03 12.99
C CYS F 177 -34.34 17.03 12.76
N ILE F 178 -34.54 16.05 11.90
CA ILE F 178 -33.65 14.88 11.88
C ILE F 178 -32.45 15.00 10.93
N ASP F 179 -32.26 16.15 10.30
CA ASP F 179 -31.15 16.34 9.36
C ASP F 179 -30.15 17.37 9.84
#